data_2P5B
#
_entry.id   2P5B
#
_cell.length_a   100.915
_cell.length_b   150.844
_cell.length_c   57.346
_cell.angle_alpha   90.000
_cell.angle_beta   90.000
_cell.angle_gamma   90.000
#
_symmetry.space_group_name_H-M   'P 21 21 2'
#
loop_
_entity.id
_entity.type
_entity.pdbx_description
1 polymer 'JmjC domain-containing histone demethylation protein 3A'
2 polymer 'Histone H3'
3 non-polymer 'ZINC ION'
4 non-polymer 'FE (II) ION'
5 non-polymer N-OXALYLGLYCINE
6 non-polymer 'OXYGEN MOLECULE'
7 water water
#
loop_
_entity_poly.entity_id
_entity_poly.type
_entity_poly.pdbx_seq_one_letter_code
_entity_poly.pdbx_strand_id
1 'polypeptide(L)'
;GSMASESETLNPSARIMTFYPTMEEFRNFSRYIAYIESQGAHRAGLAKVVPPKEWKPRASYDDIDDLVIPAPIQQLVTGQ
SGLFTQYNIQKKAMTVREFRKIANSDKYCTPRYSEFEELERKYWKNLTFNPPIYGADVNGTLYEKHVDEWNIGRLRTILD
LVEKESGITIEGVNTPYLYFGMWKTSFAWHTEDMDLYSINYLHFGEPKSWYSVPPEHGKRLERLAKGFFPGSAQSCEAFL
RHKMTLISPLMLKKYGIPFDKVTQEAGEFMITFPYGYHAGFNHGFNCAESTNFATRRWIEYGKQAVLCSCRKDMVKISMD
VFVRKFQPERYKLWKAGKDNTVIDHTLPTPEA
;
A,B
2 'polypeptide(L)' RKSAPATGGV(M3L)KPHRYRPGTVL I,J
#
loop_
_chem_comp.id
_chem_comp.type
_chem_comp.name
_chem_comp.formula
FE2 non-polymer 'FE (II) ION' 'Fe 2'
OGA non-polymer N-OXALYLGLYCINE 'C4 H5 N O5'
OXY non-polymer 'OXYGEN MOLECULE' O2
ZN non-polymer 'ZINC ION' 'Zn 2'
#
# COMPACT_ATOMS: atom_id res chain seq x y z
N ALA A 4 24.84 41.27 0.49
CA ALA A 4 25.02 40.62 1.82
C ALA A 4 25.07 41.67 2.93
N SER A 5 24.05 41.68 3.78
CA SER A 5 23.99 42.64 4.87
C SER A 5 23.91 41.90 6.20
N GLU A 6 25.02 41.25 6.55
CA GLU A 6 25.17 40.48 7.80
C GLU A 6 24.11 39.38 7.89
N SER A 7 23.00 39.55 7.17
CA SER A 7 21.92 38.57 7.17
C SER A 7 22.38 37.38 6.34
N GLU A 8 22.84 37.67 5.13
CA GLU A 8 23.32 36.64 4.22
C GLU A 8 24.76 36.32 4.59
N THR A 9 25.32 37.10 5.53
CA THR A 9 26.70 36.91 5.98
C THR A 9 26.75 35.86 7.08
N LEU A 10 25.59 35.58 7.69
CA LEU A 10 25.51 34.58 8.75
C LEU A 10 25.20 33.23 8.13
N ASN A 11 25.93 32.19 8.54
CA ASN A 11 25.75 30.84 8.02
C ASN A 11 25.55 30.90 6.50
N PRO A 12 26.55 31.45 5.77
CA PRO A 12 26.52 31.59 4.32
C PRO A 12 26.40 30.27 3.56
N SER A 13 26.89 29.19 4.16
CA SER A 13 26.83 27.87 3.53
C SER A 13 25.44 27.28 3.77
N ALA A 14 24.71 27.88 4.71
CA ALA A 14 23.36 27.44 5.06
C ALA A 14 23.40 25.97 5.46
N ARG A 15 24.27 25.64 6.42
CA ARG A 15 24.39 24.25 6.87
C ARG A 15 23.69 24.04 8.19
N ILE A 16 23.39 22.78 8.51
CA ILE A 16 22.71 22.45 9.75
C ILE A 16 23.62 22.75 10.94
N MET A 17 23.19 23.66 11.80
CA MET A 17 23.96 24.04 12.97
C MET A 17 23.38 23.32 14.18
N THR A 18 24.22 23.14 15.20
CA THR A 18 23.81 22.48 16.43
C THR A 18 24.05 23.47 17.57
N PHE A 19 23.13 23.55 18.52
CA PHE A 19 23.27 24.48 19.64
C PHE A 19 23.19 23.75 20.96
N TYR A 20 23.91 24.28 21.94
CA TYR A 20 23.94 23.71 23.29
C TYR A 20 23.63 24.83 24.25
N PRO A 21 22.34 25.16 24.41
CA PRO A 21 21.94 26.24 25.32
C PRO A 21 22.14 25.88 26.78
N THR A 22 22.37 26.91 27.60
CA THR A 22 22.50 26.70 29.03
C THR A 22 21.07 26.61 29.53
N MET A 23 20.90 26.19 30.78
CA MET A 23 19.55 26.08 31.33
C MET A 23 18.89 27.45 31.31
N GLU A 24 19.70 28.50 31.37
CA GLU A 24 19.20 29.87 31.38
C GLU A 24 18.64 30.26 30.02
N GLU A 25 19.38 29.92 28.97
CA GLU A 25 18.96 30.26 27.61
C GLU A 25 17.80 29.36 27.21
N PHE A 26 17.87 28.12 27.66
CA PHE A 26 16.87 27.10 27.36
C PHE A 26 15.50 27.45 27.95
N ARG A 27 15.49 28.20 29.05
CA ARG A 27 14.25 28.55 29.75
C ARG A 27 13.20 29.23 28.85
N ASN A 28 13.60 30.21 28.05
CA ASN A 28 12.65 30.90 27.18
C ASN A 28 12.73 30.31 25.78
N PHE A 29 11.68 29.60 25.38
CA PHE A 29 11.64 28.94 24.08
C PHE A 29 11.71 29.93 22.92
N SER A 30 10.69 30.76 22.79
CA SER A 30 10.61 31.71 21.70
C SER A 30 11.87 32.57 21.63
N ARG A 31 12.45 32.90 22.77
CA ARG A 31 13.64 33.73 22.78
C ARG A 31 14.82 32.98 22.16
N TYR A 32 15.00 31.73 22.56
CA TYR A 32 16.10 30.96 22.02
C TYR A 32 15.96 30.80 20.51
N ILE A 33 14.75 30.58 20.03
CA ILE A 33 14.53 30.40 18.60
C ILE A 33 15.01 31.66 17.87
N ALA A 34 14.62 32.82 18.37
CA ALA A 34 15.03 34.06 17.76
C ALA A 34 16.56 34.15 17.84
N TYR A 35 17.12 33.58 18.90
CA TYR A 35 18.57 33.61 19.07
C TYR A 35 19.27 32.78 18.00
N ILE A 36 18.84 31.54 17.80
CA ILE A 36 19.51 30.70 16.80
C ILE A 36 19.30 31.28 15.41
N GLU A 37 18.21 32.00 15.19
CA GLU A 37 18.01 32.57 13.87
C GLU A 37 18.98 33.73 13.70
N SER A 38 19.35 34.38 14.81
CA SER A 38 20.29 35.50 14.72
C SER A 38 21.65 34.95 14.31
N GLN A 39 21.87 33.65 14.53
CA GLN A 39 23.12 33.00 14.16
C GLN A 39 22.97 32.36 12.77
N GLY A 40 21.83 32.60 12.13
CA GLY A 40 21.58 32.06 10.79
C GLY A 40 21.14 30.60 10.68
N ALA A 41 20.74 29.99 11.80
CA ALA A 41 20.33 28.58 11.82
C ALA A 41 19.19 28.28 10.82
N HIS A 42 18.29 29.23 10.61
CA HIS A 42 17.16 29.00 9.73
C HIS A 42 17.58 28.81 8.26
N ARG A 43 18.77 29.28 7.90
CA ARG A 43 19.25 29.18 6.52
C ARG A 43 19.27 27.73 6.03
N ALA A 44 19.56 26.79 6.93
CA ALA A 44 19.65 25.38 6.53
C ALA A 44 18.25 24.72 6.52
N GLY A 45 17.31 25.36 7.20
CA GLY A 45 15.96 24.83 7.25
C GLY A 45 15.79 23.80 8.35
N LEU A 46 16.90 23.44 9.00
CA LEU A 46 16.89 22.45 10.07
C LEU A 46 18.03 22.78 11.04
N ALA A 47 17.79 22.66 12.34
CA ALA A 47 18.82 22.91 13.34
C ALA A 47 18.63 21.93 14.49
N LYS A 48 19.72 21.55 15.13
CA LYS A 48 19.63 20.62 16.24
C LYS A 48 19.89 21.39 17.52
N VAL A 49 19.18 21.05 18.57
CA VAL A 49 19.39 21.71 19.84
C VAL A 49 19.51 20.66 20.92
N VAL A 50 20.67 20.63 21.55
CA VAL A 50 20.94 19.67 22.63
C VAL A 50 20.61 20.37 23.94
N PRO A 51 19.64 19.83 24.69
CA PRO A 51 19.25 20.44 25.97
C PRO A 51 20.32 20.25 27.03
N PRO A 52 20.33 21.11 28.05
CA PRO A 52 21.35 20.94 29.10
C PRO A 52 21.15 19.55 29.71
N LYS A 53 22.27 18.86 29.95
CA LYS A 53 22.28 17.50 30.47
C LYS A 53 21.36 17.27 31.68
N GLU A 54 21.18 18.26 32.53
CA GLU A 54 20.35 18.07 33.71
C GLU A 54 18.87 18.32 33.45
N TRP A 55 18.46 18.37 32.19
CA TRP A 55 17.06 18.60 31.87
C TRP A 55 16.45 17.29 31.38
N LYS A 56 15.21 17.04 31.78
CA LYS A 56 14.49 15.84 31.37
C LYS A 56 12.99 16.09 31.43
N PRO A 57 12.25 15.67 30.40
CA PRO A 57 10.81 15.84 30.31
C PRO A 57 10.00 14.75 31.02
N ARG A 58 10.65 13.63 31.31
CA ARG A 58 9.99 12.52 31.99
C ARG A 58 11.03 11.74 32.80
N ALA A 59 10.57 11.12 33.87
CA ALA A 59 11.43 10.35 34.76
C ALA A 59 11.92 9.09 34.06
N SER A 60 10.97 8.30 33.55
CA SER A 60 11.31 7.06 32.85
C SER A 60 10.17 6.67 31.93
N TYR A 61 10.48 5.84 30.94
CA TYR A 61 9.47 5.39 29.97
C TYR A 61 9.24 3.90 30.15
N ASP A 62 9.21 3.43 31.39
CA ASP A 62 9.03 2.02 31.66
C ASP A 62 7.58 1.76 32.02
N ASP A 63 6.68 2.57 31.47
CA ASP A 63 5.28 2.44 31.78
C ASP A 63 4.44 2.74 30.55
N ILE A 64 4.96 2.47 29.36
CA ILE A 64 4.21 2.79 28.15
C ILE A 64 3.94 1.56 27.30
N ASP A 65 4.42 0.40 27.73
CA ASP A 65 4.18 -0.83 26.96
C ASP A 65 2.67 -0.98 26.75
N ASP A 66 1.89 -0.29 27.58
CA ASP A 66 0.44 -0.36 27.53
C ASP A 66 -0.14 0.67 26.56
N LEU A 67 0.60 1.75 26.31
CA LEU A 67 0.12 2.81 25.42
C LEU A 67 -0.40 2.19 24.12
N VAL A 68 -1.51 2.71 23.64
CA VAL A 68 -2.12 2.19 22.43
C VAL A 68 -1.81 3.06 21.22
N ILE A 69 -1.45 2.39 20.12
CA ILE A 69 -1.17 3.02 18.85
C ILE A 69 -2.40 2.72 18.03
N PRO A 70 -3.40 3.61 18.09
CA PRO A 70 -4.67 3.48 17.38
C PRO A 70 -4.64 3.19 15.88
N ALA A 71 -3.68 3.74 15.15
CA ALA A 71 -3.66 3.49 13.72
C ALA A 71 -2.25 3.36 13.16
N PRO A 72 -1.57 2.25 13.46
CA PRO A 72 -0.21 2.08 12.93
C PRO A 72 -0.32 1.88 11.42
N ILE A 73 0.73 2.21 10.68
CA ILE A 73 0.70 2.09 9.23
C ILE A 73 1.90 1.30 8.72
N GLN A 74 1.67 0.48 7.70
CA GLN A 74 2.76 -0.27 7.11
C GLN A 74 3.19 0.53 5.89
N GLN A 75 4.48 0.78 5.75
CA GLN A 75 4.97 1.62 4.66
C GLN A 75 5.47 0.84 3.47
N LEU A 76 4.62 0.70 2.47
CA LEU A 76 4.96 0.05 1.23
C LEU A 76 5.58 1.13 0.33
N VAL A 77 6.76 0.87 -0.20
CA VAL A 77 7.43 1.84 -1.04
C VAL A 77 7.71 1.23 -2.40
N THR A 78 7.39 1.98 -3.46
CA THR A 78 7.61 1.54 -4.83
C THR A 78 8.50 2.57 -5.52
N GLY A 79 9.43 2.11 -6.35
CA GLY A 79 10.32 3.02 -7.04
C GLY A 79 11.68 2.45 -7.35
N GLN A 80 12.53 3.26 -7.97
CA GLN A 80 13.86 2.81 -8.37
C GLN A 80 14.72 4.04 -8.68
N SER A 81 16.03 3.83 -8.74
CA SER A 81 16.98 4.88 -9.09
C SER A 81 16.77 6.14 -8.26
N GLY A 82 16.71 5.99 -6.94
CA GLY A 82 16.54 7.13 -6.07
C GLY A 82 15.21 7.89 -6.05
N LEU A 83 14.18 7.39 -6.73
CA LEU A 83 12.87 8.05 -6.75
C LEU A 83 11.83 7.05 -6.30
N PHE A 84 11.08 7.38 -5.25
CA PHE A 84 10.09 6.43 -4.75
C PHE A 84 8.83 7.13 -4.27
N THR A 85 7.77 6.34 -4.19
CA THR A 85 6.48 6.79 -3.70
C THR A 85 6.12 5.83 -2.56
N GLN A 86 5.69 6.39 -1.43
CA GLN A 86 5.36 5.59 -0.26
C GLN A 86 3.84 5.55 -0.05
N TYR A 87 3.31 4.34 0.07
CA TYR A 87 1.88 4.15 0.32
C TYR A 87 1.77 3.64 1.75
N ASN A 88 1.04 4.38 2.59
CA ASN A 88 0.88 3.99 3.98
C ASN A 88 -0.42 3.23 4.17
N ILE A 89 -0.31 1.95 4.53
CA ILE A 89 -1.49 1.10 4.75
C ILE A 89 -1.79 1.06 6.25
N GLN A 90 -3.04 1.33 6.61
CA GLN A 90 -3.42 1.36 8.01
C GLN A 90 -3.56 -0.06 8.54
N LYS A 91 -2.94 -0.31 9.69
CA LYS A 91 -3.00 -1.61 10.34
C LYS A 91 -3.90 -1.48 11.56
N LYS A 92 -4.23 -2.61 12.19
CA LYS A 92 -5.09 -2.59 13.37
C LYS A 92 -4.30 -2.04 14.54
N ALA A 93 -5.03 -1.42 15.47
CA ALA A 93 -4.43 -0.83 16.66
C ALA A 93 -3.55 -1.85 17.35
N MET A 94 -2.57 -1.36 18.09
CA MET A 94 -1.66 -2.23 18.82
C MET A 94 -0.98 -1.42 19.92
N THR A 95 -0.45 -2.11 20.91
CA THR A 95 0.21 -1.47 22.03
C THR A 95 1.68 -1.32 21.70
N VAL A 96 2.37 -0.47 22.46
CA VAL A 96 3.78 -0.26 22.25
C VAL A 96 4.51 -1.59 22.41
N ARG A 97 4.03 -2.41 23.35
CA ARG A 97 4.65 -3.70 23.60
C ARG A 97 4.68 -4.51 22.32
N GLU A 98 3.52 -4.66 21.70
CA GLU A 98 3.41 -5.41 20.46
C GLU A 98 4.28 -4.80 19.37
N PHE A 99 4.31 -3.47 19.30
CA PHE A 99 5.11 -2.75 18.31
C PHE A 99 6.58 -3.03 18.56
N ARG A 100 7.01 -2.81 19.79
CA ARG A 100 8.41 -3.02 20.16
C ARG A 100 8.80 -4.46 19.83
N LYS A 101 7.89 -5.40 20.06
CA LYS A 101 8.17 -6.80 19.80
C LYS A 101 8.57 -6.97 18.34
N ILE A 102 7.71 -6.53 17.44
CA ILE A 102 7.94 -6.63 16.01
C ILE A 102 9.20 -5.85 15.62
N ALA A 103 9.31 -4.63 16.12
CA ALA A 103 10.44 -3.76 15.80
C ALA A 103 11.77 -4.44 16.11
N ASN A 104 11.85 -5.13 17.25
CA ASN A 104 13.09 -5.78 17.65
C ASN A 104 13.24 -7.18 17.04
N SER A 105 12.18 -7.71 16.45
CA SER A 105 12.26 -9.04 15.85
C SER A 105 13.39 -9.02 14.81
N ASP A 106 13.94 -10.18 14.49
CA ASP A 106 15.04 -10.25 13.52
C ASP A 106 14.49 -10.03 12.12
N LYS A 107 13.16 -9.98 12.01
CA LYS A 107 12.50 -9.78 10.73
C LYS A 107 12.59 -8.30 10.35
N TYR A 108 12.35 -7.42 11.33
CA TYR A 108 12.37 -5.98 11.09
C TYR A 108 13.48 -5.30 11.88
N CYS A 109 14.38 -6.09 12.46
CA CYS A 109 15.48 -5.56 13.27
C CYS A 109 16.43 -4.73 12.41
N THR A 110 17.17 -3.85 13.08
CA THR A 110 18.15 -2.98 12.43
C THR A 110 19.33 -3.82 11.98
N PRO A 111 19.77 -3.66 10.73
CA PRO A 111 20.90 -4.45 10.25
C PRO A 111 22.18 -3.96 10.92
N ARG A 112 23.23 -4.76 10.84
CA ARG A 112 24.51 -4.41 11.45
C ARG A 112 25.23 -3.47 10.50
N TYR A 113 26.10 -2.63 11.03
CA TYR A 113 26.84 -1.69 10.20
C TYR A 113 27.96 -1.07 11.02
N SER A 114 28.91 -0.46 10.33
CA SER A 114 30.05 0.17 10.99
C SER A 114 29.78 1.66 11.16
N GLU A 115 29.73 2.39 10.05
CA GLU A 115 29.48 3.83 10.09
C GLU A 115 28.11 4.13 9.49
N PHE A 116 27.53 5.25 9.92
CA PHE A 116 26.21 5.70 9.47
C PHE A 116 26.13 5.65 7.95
N GLU A 117 27.22 6.02 7.29
CA GLU A 117 27.27 6.04 5.84
C GLU A 117 26.79 4.69 5.30
N GLU A 118 27.19 3.62 5.97
CA GLU A 118 26.82 2.27 5.56
C GLU A 118 25.35 2.02 5.85
N LEU A 119 24.89 2.47 7.02
CA LEU A 119 23.50 2.29 7.41
C LEU A 119 22.64 3.05 6.39
N GLU A 120 23.12 4.22 5.99
CA GLU A 120 22.44 5.06 5.03
C GLU A 120 22.32 4.34 3.69
N ARG A 121 23.41 3.75 3.23
CA ARG A 121 23.39 3.02 1.95
C ARG A 121 22.41 1.85 2.03
N LYS A 122 22.36 1.18 3.17
CA LYS A 122 21.46 0.05 3.34
C LYS A 122 20.01 0.53 3.28
N TYR A 123 19.76 1.71 3.86
CA TYR A 123 18.41 2.26 3.85
C TYR A 123 17.95 2.47 2.41
N TRP A 124 18.73 3.22 1.64
CA TRP A 124 18.37 3.53 0.26
C TRP A 124 18.39 2.30 -0.65
N LYS A 125 19.05 1.25 -0.21
CA LYS A 125 19.12 0.04 -1.01
C LYS A 125 17.93 -0.89 -0.73
N ASN A 126 17.41 -0.89 0.49
CA ASN A 126 16.32 -1.83 0.80
C ASN A 126 15.01 -1.17 1.24
N LEU A 127 14.83 0.12 1.02
CA LEU A 127 13.59 0.75 1.51
C LEU A 127 12.33 0.19 0.86
N THR A 128 12.44 -0.47 -0.28
CA THR A 128 11.25 -1.01 -0.95
C THR A 128 11.02 -2.47 -0.55
N PHE A 129 11.87 -3.02 0.32
CA PHE A 129 11.72 -4.42 0.72
C PHE A 129 11.27 -4.50 2.16
N ASN A 130 10.65 -5.63 2.52
CA ASN A 130 10.22 -5.90 3.89
C ASN A 130 9.60 -4.65 4.52
N PRO A 131 8.43 -4.22 4.02
CA PRO A 131 7.70 -3.04 4.49
C PRO A 131 7.50 -2.98 5.99
N PRO A 132 8.18 -2.03 6.66
CA PRO A 132 8.07 -1.87 8.11
C PRO A 132 6.74 -1.25 8.54
N ILE A 133 6.53 -1.17 9.84
CA ILE A 133 5.32 -0.58 10.39
C ILE A 133 5.76 0.64 11.19
N TYR A 134 4.99 1.72 11.07
CA TYR A 134 5.32 2.96 11.76
C TYR A 134 4.12 3.34 12.61
N GLY A 135 4.34 3.58 13.89
CA GLY A 135 3.24 3.99 14.76
C GLY A 135 3.36 5.50 14.81
N ALA A 136 2.97 6.13 13.71
CA ALA A 136 3.10 7.57 13.56
C ALA A 136 1.80 8.33 13.82
N ASP A 137 1.97 9.64 14.04
CA ASP A 137 0.87 10.59 14.25
C ASP A 137 -0.08 10.11 15.36
N VAL A 138 0.47 9.82 16.54
CA VAL A 138 -0.35 9.37 17.66
C VAL A 138 -0.59 10.55 18.61
N ASN A 139 -1.86 10.88 18.85
CA ASN A 139 -2.21 11.98 19.73
C ASN A 139 -1.67 11.70 21.13
N GLY A 140 -1.02 12.69 21.74
CA GLY A 140 -0.48 12.49 23.08
C GLY A 140 0.87 13.13 23.35
N THR A 141 1.27 13.12 24.62
CA THR A 141 2.53 13.68 25.07
C THR A 141 3.17 12.71 26.05
N LEU A 142 4.47 12.88 26.26
CA LEU A 142 5.18 12.04 27.22
C LEU A 142 5.84 12.97 28.22
N TYR A 143 5.57 14.27 28.08
CA TYR A 143 6.12 15.25 28.99
C TYR A 143 5.35 15.17 30.30
N GLU A 144 6.01 15.51 31.40
CA GLU A 144 5.37 15.51 32.69
C GLU A 144 4.82 16.92 32.90
N LYS A 145 3.62 16.99 33.48
CA LYS A 145 2.90 18.23 33.74
C LYS A 145 3.79 19.38 34.23
N HIS A 146 4.77 19.10 35.08
CA HIS A 146 5.59 20.16 35.65
C HIS A 146 6.66 20.73 34.71
N VAL A 147 7.04 19.99 33.66
CA VAL A 147 8.07 20.49 32.76
C VAL A 147 7.56 21.76 32.07
N ASP A 148 8.22 22.89 32.31
CA ASP A 148 7.79 24.14 31.70
C ASP A 148 8.77 24.59 30.62
N GLU A 149 9.90 23.92 30.53
CA GLU A 149 10.90 24.29 29.52
C GLU A 149 10.70 23.42 28.28
N TRP A 150 10.57 24.06 27.13
CA TRP A 150 10.41 23.37 25.84
C TRP A 150 9.37 22.25 25.94
N ASN A 151 8.22 22.54 26.52
CA ASN A 151 7.17 21.54 26.64
C ASN A 151 6.37 21.58 25.33
N ILE A 152 6.59 20.58 24.49
CA ILE A 152 5.93 20.49 23.19
C ILE A 152 4.42 20.60 23.34
N GLY A 153 3.93 20.35 24.55
CA GLY A 153 2.50 20.43 24.79
C GLY A 153 2.02 21.87 24.94
N ARG A 154 2.93 22.78 25.27
CA ARG A 154 2.56 24.18 25.45
C ARG A 154 3.80 25.06 25.27
N LEU A 155 4.16 25.33 24.03
CA LEU A 155 5.33 26.14 23.74
C LEU A 155 5.02 27.63 23.94
N ARG A 156 3.74 27.98 23.87
CA ARG A 156 3.31 29.37 24.07
C ARG A 156 3.80 30.31 22.96
N THR A 157 3.68 29.91 21.70
CA THR A 157 4.10 30.79 20.61
C THR A 157 2.83 31.43 20.07
N ILE A 158 2.96 32.37 19.13
CA ILE A 158 1.80 33.05 18.58
C ILE A 158 0.90 32.11 17.79
N LEU A 159 1.31 30.85 17.65
CA LEU A 159 0.48 29.89 16.93
C LEU A 159 -0.76 29.63 17.80
N ASP A 160 -0.64 29.89 19.09
CA ASP A 160 -1.73 29.68 20.03
C ASP A 160 -2.91 30.59 19.68
N LEU A 161 -2.66 31.62 18.88
CA LEU A 161 -3.70 32.55 18.49
C LEU A 161 -4.81 31.86 17.70
N VAL A 162 -4.50 30.74 17.05
CA VAL A 162 -5.52 30.03 16.26
C VAL A 162 -6.58 29.50 17.22
N GLU A 163 -6.13 28.73 18.20
CA GLU A 163 -7.02 28.14 19.19
C GLU A 163 -7.66 29.27 20.02
N LYS A 164 -6.85 30.25 20.39
CA LYS A 164 -7.30 31.38 21.19
C LYS A 164 -8.49 32.10 20.55
N GLU A 165 -8.31 32.49 19.29
CA GLU A 165 -9.28 33.25 18.53
C GLU A 165 -10.49 32.44 18.03
N SER A 166 -10.32 31.15 17.75
CA SER A 166 -11.44 30.39 17.20
C SER A 166 -11.78 29.13 18.00
N GLY A 167 -10.91 28.71 18.90
CA GLY A 167 -11.18 27.48 19.64
C GLY A 167 -10.94 26.24 18.79
N ILE A 168 -10.46 26.44 17.56
CA ILE A 168 -10.20 25.33 16.65
C ILE A 168 -8.89 24.63 17.01
N THR A 169 -8.96 23.30 17.04
CA THR A 169 -7.83 22.45 17.34
C THR A 169 -7.47 21.65 16.08
N ILE A 170 -6.19 21.62 15.75
CA ILE A 170 -5.70 20.88 14.58
C ILE A 170 -4.65 19.89 15.13
N GLU A 171 -5.09 18.65 15.35
CA GLU A 171 -4.24 17.60 15.91
C GLU A 171 -2.90 17.52 15.19
N GLY A 172 -1.83 17.52 15.98
CA GLY A 172 -0.48 17.45 15.43
C GLY A 172 0.12 18.81 15.08
N VAL A 173 -0.73 19.82 14.88
CA VAL A 173 -0.24 21.15 14.51
C VAL A 173 -0.17 21.99 15.79
N ASN A 174 -1.32 22.20 16.44
CA ASN A 174 -1.29 22.96 17.69
C ASN A 174 -1.56 22.01 18.84
N THR A 175 -1.33 20.71 18.58
CA THR A 175 -1.45 19.69 19.61
C THR A 175 -0.29 18.73 19.33
N PRO A 176 0.20 18.01 20.35
CA PRO A 176 1.32 17.08 20.20
C PRO A 176 1.02 15.71 19.58
N TYR A 177 2.01 15.19 18.87
CA TYR A 177 1.95 13.89 18.21
C TYR A 177 3.13 13.07 18.68
N LEU A 178 2.96 11.75 18.76
CA LEU A 178 4.05 10.85 19.16
C LEU A 178 4.28 9.94 17.98
N TYR A 179 5.54 9.59 17.73
CA TYR A 179 5.89 8.71 16.62
C TYR A 179 6.76 7.55 17.12
N PHE A 180 6.27 6.33 16.96
CA PHE A 180 7.04 5.15 17.35
C PHE A 180 7.59 4.54 16.08
N GLY A 181 8.89 4.58 15.92
CA GLY A 181 9.48 4.02 14.71
C GLY A 181 10.33 2.77 14.88
N MET A 182 10.64 2.15 13.75
CA MET A 182 11.50 0.98 13.71
C MET A 182 12.44 1.20 12.54
N TRP A 183 13.38 0.29 12.35
CA TRP A 183 14.34 0.41 11.26
C TRP A 183 13.63 0.59 9.93
N LYS A 184 14.12 1.53 9.13
CA LYS A 184 13.61 1.81 7.79
C LYS A 184 12.27 2.52 7.73
N THR A 185 11.69 2.92 8.86
CA THR A 185 10.44 3.68 8.75
C THR A 185 10.89 5.07 8.30
N SER A 186 10.11 5.76 7.49
CA SER A 186 10.62 7.04 7.04
C SER A 186 9.53 8.07 6.83
N PHE A 187 9.99 9.32 6.76
CA PHE A 187 9.10 10.45 6.51
C PHE A 187 9.57 11.09 5.20
N ALA A 188 8.64 11.24 4.27
CA ALA A 188 8.92 11.75 2.94
C ALA A 188 9.24 13.25 2.96
N TRP A 189 9.71 13.75 1.82
CA TRP A 189 10.06 15.17 1.68
C TRP A 189 8.84 16.07 1.81
N HIS A 190 8.94 17.09 2.68
CA HIS A 190 7.82 18.00 2.89
C HIS A 190 8.26 19.19 3.72
N THR A 191 7.41 20.22 3.70
CA THR A 191 7.60 21.37 4.57
C THR A 191 6.44 21.19 5.54
N GLU A 192 6.35 22.00 6.60
CA GLU A 192 5.24 21.79 7.52
C GLU A 192 3.95 22.37 6.93
N ASP A 193 2.81 21.96 7.48
CA ASP A 193 1.54 22.50 7.02
C ASP A 193 1.60 24.02 7.23
N MET A 194 1.12 24.79 6.25
CA MET A 194 1.13 26.26 6.29
C MET A 194 2.56 26.78 6.42
N ASP A 195 3.51 25.92 6.07
CA ASP A 195 4.93 26.22 6.13
C ASP A 195 5.35 26.74 7.51
N LEU A 196 4.76 26.13 8.53
CA LEU A 196 5.07 26.48 9.91
C LEU A 196 6.42 25.87 10.31
N TYR A 197 6.82 26.15 11.55
CA TYR A 197 8.03 25.56 12.12
C TYR A 197 7.56 24.26 12.77
N SER A 198 8.50 23.35 13.03
CA SER A 198 8.15 22.13 13.72
C SER A 198 9.23 21.91 14.76
N ILE A 199 8.89 21.20 15.81
CA ILE A 199 9.83 20.89 16.87
C ILE A 199 9.72 19.37 17.05
N ASN A 200 10.87 18.69 17.16
CA ASN A 200 10.86 17.24 17.31
C ASN A 200 11.84 16.83 18.42
N TYR A 201 11.32 16.07 19.38
CA TYR A 201 12.14 15.60 20.48
C TYR A 201 12.16 14.09 20.46
N LEU A 202 13.36 13.52 20.45
CA LEU A 202 13.51 12.07 20.44
C LEU A 202 13.61 11.61 21.89
N HIS A 203 12.49 11.14 22.43
CA HIS A 203 12.40 10.67 23.80
C HIS A 203 13.39 9.54 24.07
N PHE A 204 13.35 8.47 23.29
CA PHE A 204 14.28 7.35 23.53
C PHE A 204 14.38 6.47 22.29
N GLY A 205 15.35 5.55 22.31
CA GLY A 205 15.55 4.62 21.21
C GLY A 205 16.69 4.92 20.26
N GLU A 206 16.67 4.24 19.12
CA GLU A 206 17.69 4.44 18.10
C GLU A 206 17.50 5.81 17.45
N PRO A 207 18.55 6.32 16.79
CA PRO A 207 18.56 7.62 16.11
C PRO A 207 17.56 7.80 14.96
N LYS A 208 17.41 9.05 14.57
CA LYS A 208 16.56 9.44 13.46
C LYS A 208 17.43 10.34 12.58
N SER A 209 17.67 9.95 11.35
CA SER A 209 18.49 10.77 10.46
C SER A 209 17.59 11.66 9.62
N TRP A 210 18.09 12.86 9.33
CA TRP A 210 17.35 13.87 8.59
C TRP A 210 18.16 14.39 7.41
N TYR A 211 17.42 14.82 6.39
CA TYR A 211 17.98 15.46 5.20
C TYR A 211 17.24 16.79 5.14
N SER A 212 17.90 17.86 4.70
CA SER A 212 17.21 19.15 4.67
C SER A 212 17.70 19.98 3.50
N VAL A 213 16.77 20.76 2.94
CA VAL A 213 17.09 21.63 1.83
C VAL A 213 16.85 23.05 2.32
N PRO A 214 17.84 23.93 2.13
CA PRO A 214 17.68 25.32 2.57
C PRO A 214 16.43 25.95 1.98
N PRO A 215 15.66 26.68 2.80
CA PRO A 215 14.45 27.34 2.30
C PRO A 215 14.77 28.17 1.07
N GLU A 216 15.98 28.72 1.03
CA GLU A 216 16.43 29.54 -0.08
C GLU A 216 16.42 28.74 -1.38
N HIS A 217 16.42 27.41 -1.29
CA HIS A 217 16.43 26.59 -2.52
C HIS A 217 15.22 25.65 -2.58
N GLY A 218 14.21 25.90 -1.77
CA GLY A 218 13.04 25.04 -1.78
C GLY A 218 12.34 24.91 -3.12
N LYS A 219 12.20 26.04 -3.83
CA LYS A 219 11.53 26.02 -5.13
C LYS A 219 12.26 25.13 -6.11
N ARG A 220 13.58 25.00 -5.94
CA ARG A 220 14.33 24.17 -6.86
C ARG A 220 13.99 22.70 -6.62
N LEU A 221 13.81 22.34 -5.35
CA LEU A 221 13.47 20.96 -5.00
C LEU A 221 12.11 20.64 -5.61
N GLU A 222 11.18 21.59 -5.52
CA GLU A 222 9.84 21.41 -6.05
C GLU A 222 9.88 21.19 -7.57
N ARG A 223 10.67 22.02 -8.27
CA ARG A 223 10.77 21.90 -9.72
C ARG A 223 11.30 20.53 -10.10
N LEU A 224 12.26 20.03 -9.32
CA LEU A 224 12.83 18.71 -9.61
C LEU A 224 11.74 17.67 -9.39
N ALA A 225 11.05 17.77 -8.26
CA ALA A 225 9.98 16.84 -7.91
C ALA A 225 8.90 16.83 -8.98
N LYS A 226 8.47 18.01 -9.40
CA LYS A 226 7.43 18.15 -10.43
C LYS A 226 7.87 17.38 -11.68
N GLY A 227 9.14 17.54 -12.04
CA GLY A 227 9.65 16.86 -13.23
C GLY A 227 9.70 15.36 -13.13
N PHE A 228 9.94 14.85 -11.93
CA PHE A 228 10.03 13.41 -11.75
C PHE A 228 8.64 12.80 -11.62
N PHE A 229 7.70 13.55 -11.07
CA PHE A 229 6.33 13.03 -10.92
C PHE A 229 5.36 14.01 -11.55
N PRO A 230 5.42 14.13 -12.89
CA PRO A 230 4.55 15.03 -13.65
C PRO A 230 3.07 14.79 -13.42
N GLY A 231 2.68 13.53 -13.34
CA GLY A 231 1.28 13.21 -13.11
C GLY A 231 0.78 13.77 -11.80
N SER A 232 1.51 13.50 -10.73
CA SER A 232 1.13 13.96 -9.40
C SER A 232 1.10 15.48 -9.38
N ALA A 233 2.08 16.09 -10.03
CA ALA A 233 2.19 17.53 -10.05
C ALA A 233 0.97 18.18 -10.70
N GLN A 234 0.46 17.61 -11.79
CA GLN A 234 -0.68 18.24 -12.45
C GLN A 234 -1.99 17.98 -11.73
N SER A 235 -2.05 16.98 -10.85
CA SER A 235 -3.31 16.73 -10.14
C SER A 235 -3.34 17.53 -8.84
N CYS A 236 -2.18 18.04 -8.42
CA CYS A 236 -2.07 18.84 -7.20
C CYS A 236 -0.70 19.50 -7.16
N GLU A 237 -0.66 20.81 -7.39
CA GLU A 237 0.58 21.57 -7.38
C GLU A 237 1.42 21.24 -6.15
N ALA A 238 0.77 21.23 -4.99
CA ALA A 238 1.47 20.95 -3.72
C ALA A 238 1.39 19.47 -3.38
N PHE A 239 1.65 18.60 -4.35
CA PHE A 239 1.56 17.16 -4.12
C PHE A 239 2.56 16.67 -3.07
N LEU A 240 3.64 17.40 -2.84
CA LEU A 240 4.62 16.96 -1.84
C LEU A 240 3.97 16.96 -0.45
N ARG A 241 2.89 17.72 -0.29
CA ARG A 241 2.23 17.76 1.02
C ARG A 241 1.50 16.44 1.29
N HIS A 242 1.40 15.57 0.29
CA HIS A 242 0.75 14.28 0.49
C HIS A 242 1.70 13.41 1.31
N LYS A 243 2.95 13.85 1.42
CA LYS A 243 3.99 13.14 2.17
C LYS A 243 4.17 11.71 1.68
N MET A 244 4.27 11.53 0.37
CA MET A 244 4.46 10.20 -0.20
C MET A 244 5.71 10.14 -1.08
N THR A 245 6.41 11.27 -1.24
CA THR A 245 7.55 11.30 -2.16
C THR A 245 8.90 11.18 -1.48
N LEU A 246 9.68 10.17 -1.89
CA LEU A 246 11.01 9.93 -1.36
C LEU A 246 12.02 10.16 -2.49
N ILE A 247 13.09 10.87 -2.18
CA ILE A 247 14.14 11.17 -3.13
C ILE A 247 15.47 11.00 -2.41
N SER A 248 16.35 10.16 -2.95
CA SER A 248 17.62 9.91 -2.29
C SER A 248 18.57 11.09 -2.46
N PRO A 249 19.54 11.20 -1.56
CA PRO A 249 20.52 12.28 -1.62
C PRO A 249 21.37 12.22 -2.89
N LEU A 250 21.58 11.02 -3.43
CA LEU A 250 22.36 10.91 -4.66
C LEU A 250 21.62 11.62 -5.79
N MET A 251 20.29 11.53 -5.80
CA MET A 251 19.50 12.18 -6.85
C MET A 251 19.56 13.69 -6.66
N LEU A 252 19.50 14.17 -5.43
CA LEU A 252 19.56 15.60 -5.19
C LEU A 252 20.93 16.09 -5.66
N LYS A 253 21.95 15.32 -5.32
CA LYS A 253 23.34 15.62 -5.68
C LYS A 253 23.45 15.69 -7.20
N LYS A 254 22.90 14.70 -7.88
CA LYS A 254 22.96 14.63 -9.33
C LYS A 254 22.30 15.83 -10.01
N TYR A 255 21.31 16.44 -9.38
CA TYR A 255 20.66 17.56 -10.02
C TYR A 255 20.99 18.88 -9.37
N GLY A 256 22.13 18.95 -8.70
CA GLY A 256 22.55 20.20 -8.08
C GLY A 256 21.66 20.83 -7.01
N ILE A 257 20.85 20.03 -6.32
CA ILE A 257 20.01 20.59 -5.27
C ILE A 257 20.79 20.53 -3.94
N PRO A 258 21.13 21.70 -3.39
CA PRO A 258 21.87 21.71 -2.12
C PRO A 258 21.06 21.14 -0.97
N PHE A 259 21.74 20.42 -0.08
CA PHE A 259 21.09 19.83 1.07
C PHE A 259 22.16 19.47 2.08
N ASP A 260 21.73 19.13 3.29
CA ASP A 260 22.64 18.73 4.34
C ASP A 260 21.97 17.59 5.07
N LYS A 261 22.73 16.82 5.84
CA LYS A 261 22.13 15.71 6.56
C LYS A 261 22.60 15.77 8.00
N VAL A 262 21.79 15.22 8.90
CA VAL A 262 22.13 15.22 10.30
C VAL A 262 21.42 14.05 10.94
N THR A 263 21.99 13.53 12.02
CA THR A 263 21.41 12.40 12.73
C THR A 263 21.04 12.87 14.12
N GLN A 264 19.79 12.62 14.52
CA GLN A 264 19.27 13.04 15.82
C GLN A 264 19.37 11.87 16.81
N GLU A 265 19.91 12.14 18.00
CA GLU A 265 20.10 11.10 19.00
C GLU A 265 19.06 11.29 20.10
N ALA A 266 18.76 10.22 20.83
CA ALA A 266 17.79 10.28 21.92
C ALA A 266 18.16 11.46 22.81
N GLY A 267 17.16 12.21 23.26
CA GLY A 267 17.42 13.35 24.12
C GLY A 267 17.73 14.64 23.36
N GLU A 268 17.71 14.58 22.03
CA GLU A 268 18.00 15.78 21.25
C GLU A 268 16.75 16.31 20.56
N PHE A 269 16.72 17.62 20.36
CA PHE A 269 15.62 18.31 19.70
C PHE A 269 16.05 18.66 18.28
N MET A 270 15.07 18.67 17.37
CA MET A 270 15.31 19.08 16.00
C MET A 270 14.28 20.17 15.72
N ILE A 271 14.69 21.22 15.03
CA ILE A 271 13.78 22.31 14.70
C ILE A 271 13.81 22.54 13.21
N THR A 272 12.64 22.53 12.58
CA THR A 272 12.58 22.77 11.15
C THR A 272 12.02 24.18 11.01
N PHE A 273 12.48 24.90 10.00
CA PHE A 273 12.05 26.28 9.82
C PHE A 273 11.08 26.40 8.67
N PRO A 274 10.36 27.54 8.61
CA PRO A 274 9.38 27.79 7.55
C PRO A 274 9.93 27.55 6.15
N TYR A 275 9.21 26.72 5.41
CA TYR A 275 9.54 26.40 4.04
C TYR A 275 10.86 25.62 3.94
N GLY A 276 11.20 24.90 4.99
CA GLY A 276 12.42 24.11 4.94
C GLY A 276 12.00 22.68 4.63
N TYR A 277 12.31 22.18 3.44
CA TYR A 277 11.94 20.82 3.10
C TYR A 277 12.83 19.82 3.83
N HIS A 278 12.24 18.76 4.36
CA HIS A 278 13.04 17.75 5.04
C HIS A 278 12.46 16.36 4.83
N ALA A 279 13.28 15.36 5.08
CA ALA A 279 12.90 13.95 4.95
C ALA A 279 13.88 13.16 5.82
N GLY A 280 13.60 11.88 6.02
CA GLY A 280 14.48 11.07 6.84
C GLY A 280 13.98 9.65 7.10
N PHE A 281 14.64 8.97 8.03
CA PHE A 281 14.27 7.59 8.37
C PHE A 281 14.77 7.28 9.77
N ASN A 282 14.16 6.30 10.42
CA ASN A 282 14.56 5.91 11.78
C ASN A 282 15.56 4.73 11.71
N HIS A 283 16.51 4.72 12.63
CA HIS A 283 17.56 3.70 12.69
C HIS A 283 17.00 2.41 13.26
N GLY A 284 16.06 2.55 14.18
CA GLY A 284 15.46 1.39 14.79
C GLY A 284 14.32 1.80 15.69
N PHE A 285 14.04 0.97 16.68
CA PHE A 285 12.95 1.27 17.61
C PHE A 285 13.25 2.58 18.32
N ASN A 286 12.30 3.51 18.28
CA ASN A 286 12.48 4.79 18.95
C ASN A 286 11.12 5.46 19.11
N CYS A 287 11.10 6.57 19.85
CA CYS A 287 9.87 7.31 20.11
C CYS A 287 10.18 8.79 20.04
N ALA A 288 9.39 9.52 19.25
CA ALA A 288 9.60 10.96 19.11
C ALA A 288 8.28 11.68 19.32
N GLU A 289 8.37 12.94 19.72
CA GLU A 289 7.20 13.76 19.95
C GLU A 289 7.42 15.06 19.18
N SER A 290 6.37 15.59 18.57
CA SER A 290 6.51 16.83 17.82
C SER A 290 5.18 17.54 17.64
N THR A 291 5.29 18.80 17.22
CA THR A 291 4.13 19.63 16.96
C THR A 291 4.65 20.82 16.15
N ASN A 292 3.77 21.69 15.71
CA ASN A 292 4.22 22.84 14.95
C ASN A 292 4.20 24.05 15.88
N PHE A 293 4.87 25.11 15.47
CA PHE A 293 4.84 26.34 16.24
C PHE A 293 5.04 27.47 15.28
N ALA A 294 4.77 28.69 15.72
CA ALA A 294 4.90 29.84 14.85
C ALA A 294 5.72 30.94 15.52
N THR A 295 6.21 31.84 14.68
CA THR A 295 7.01 32.98 15.06
C THR A 295 6.49 34.14 14.21
N ARG A 296 6.82 35.38 14.55
CA ARG A 296 6.36 36.52 13.77
C ARG A 296 6.89 36.40 12.36
N ARG A 297 8.10 35.86 12.22
CA ARG A 297 8.72 35.70 10.90
C ARG A 297 7.91 34.71 10.05
N TRP A 298 7.22 33.76 10.68
CA TRP A 298 6.46 32.77 9.93
C TRP A 298 5.26 33.39 9.20
N ILE A 299 4.69 34.46 9.76
CA ILE A 299 3.50 35.08 9.19
C ILE A 299 3.53 35.29 7.69
N GLU A 300 4.60 35.85 7.13
CA GLU A 300 4.66 36.04 5.68
C GLU A 300 4.64 34.68 4.99
N TYR A 301 5.32 33.70 5.57
CA TYR A 301 5.36 32.36 4.97
C TYR A 301 3.94 31.81 4.93
N GLY A 302 3.23 31.93 6.06
CA GLY A 302 1.86 31.43 6.12
C GLY A 302 0.92 32.08 5.11
N LYS A 303 1.16 33.34 4.79
CA LYS A 303 0.29 34.03 3.84
C LYS A 303 0.57 33.55 2.42
N GLN A 304 1.79 33.10 2.16
CA GLN A 304 2.14 32.69 0.80
C GLN A 304 2.26 31.17 0.64
N ALA A 305 1.91 30.40 1.67
CA ALA A 305 2.04 28.93 1.58
C ALA A 305 1.15 28.39 0.46
N VAL A 306 1.71 27.51 -0.37
CA VAL A 306 0.94 26.89 -1.45
C VAL A 306 0.35 25.63 -0.85
N LEU A 307 -0.97 25.53 -0.84
CA LEU A 307 -1.62 24.40 -0.19
C LEU A 307 -2.18 23.38 -1.17
N CYS A 308 -2.39 22.17 -0.66
CA CYS A 308 -2.97 21.08 -1.45
C CYS A 308 -4.48 21.23 -1.34
N SER A 309 -5.18 21.15 -2.47
CA SER A 309 -6.62 21.28 -2.43
C SER A 309 -7.27 20.00 -2.95
N CYS A 310 -6.48 19.18 -3.65
CA CYS A 310 -7.00 17.93 -4.21
C CYS A 310 -7.53 17.03 -3.09
N ARG A 311 -7.19 17.34 -1.85
CA ARG A 311 -7.64 16.53 -0.73
C ARG A 311 -8.46 17.41 0.20
N LYS A 312 -9.47 16.83 0.85
CA LYS A 312 -10.30 17.62 1.75
C LYS A 312 -10.18 17.02 3.15
N ASP A 313 -9.26 17.58 3.91
CA ASP A 313 -8.97 17.17 5.28
C ASP A 313 -7.58 17.70 5.61
N MET A 314 -7.00 18.39 4.63
CA MET A 314 -5.67 18.98 4.77
C MET A 314 -5.73 20.16 5.72
N VAL A 315 -4.61 20.45 6.36
CA VAL A 315 -4.53 21.54 7.31
C VAL A 315 -4.59 22.87 6.58
N LYS A 316 -5.49 23.74 7.03
CA LYS A 316 -5.68 25.05 6.46
C LYS A 316 -5.84 26.00 7.65
N ILE A 317 -5.10 27.11 7.66
CA ILE A 317 -5.21 28.07 8.76
C ILE A 317 -5.48 29.46 8.20
N SER A 318 -6.50 30.12 8.73
CA SER A 318 -6.86 31.46 8.30
C SER A 318 -5.76 32.40 8.80
N MET A 319 -5.13 33.13 7.90
CA MET A 319 -4.06 34.05 8.26
C MET A 319 -4.63 35.40 8.73
N ASP A 320 -5.92 35.57 8.54
CA ASP A 320 -6.59 36.82 8.87
C ASP A 320 -6.27 37.33 10.28
N VAL A 321 -6.32 36.46 11.28
CA VAL A 321 -6.07 36.92 12.64
C VAL A 321 -4.61 37.37 12.82
N PHE A 322 -3.69 36.79 12.08
CA PHE A 322 -2.28 37.14 12.23
C PHE A 322 -1.94 38.44 11.51
N VAL A 323 -2.48 38.62 10.31
CA VAL A 323 -2.19 39.82 9.54
C VAL A 323 -2.78 41.04 10.24
N ARG A 324 -3.97 40.85 10.80
CA ARG A 324 -4.68 41.92 11.47
C ARG A 324 -3.93 42.35 12.71
N LYS A 325 -3.46 41.38 13.48
CA LYS A 325 -2.78 41.69 14.73
C LYS A 325 -1.31 42.10 14.55
N PHE A 326 -0.59 41.50 13.61
CA PHE A 326 0.82 41.83 13.48
C PHE A 326 1.16 42.65 12.24
N GLN A 327 0.26 42.76 11.28
CA GLN A 327 0.56 43.56 10.09
C GLN A 327 -0.64 44.46 9.81
N PRO A 328 -1.08 45.22 10.83
CA PRO A 328 -2.23 46.11 10.64
C PRO A 328 -2.11 47.07 9.46
N GLU A 329 -0.91 47.57 9.20
CA GLU A 329 -0.72 48.52 8.11
C GLU A 329 -0.90 47.86 6.75
N ARG A 330 -0.92 46.54 6.70
CA ARG A 330 -1.04 45.86 5.42
C ARG A 330 -2.31 45.03 5.30
N TYR A 331 -3.10 44.99 6.37
CA TYR A 331 -4.32 44.20 6.37
C TYR A 331 -5.22 44.55 5.19
N LYS A 332 -5.55 45.82 5.05
CA LYS A 332 -6.44 46.27 4.00
C LYS A 332 -5.90 45.83 2.63
N LEU A 333 -4.62 46.10 2.38
CA LEU A 333 -3.97 45.76 1.11
C LEU A 333 -4.00 44.24 0.87
N TRP A 334 -3.65 43.48 1.89
CA TRP A 334 -3.62 42.03 1.78
C TRP A 334 -5.02 41.50 1.51
N LYS A 335 -6.00 42.01 2.25
CA LYS A 335 -7.37 41.56 2.11
C LYS A 335 -7.84 41.84 0.67
N ALA A 336 -7.17 42.77 0.00
CA ALA A 336 -7.54 43.12 -1.37
C ALA A 336 -6.54 42.48 -2.32
N GLY A 337 -5.96 41.35 -1.90
CA GLY A 337 -4.99 40.66 -2.74
C GLY A 337 -3.94 41.52 -3.43
N LYS A 338 -3.55 42.63 -2.82
CA LYS A 338 -2.56 43.50 -3.44
C LYS A 338 -1.27 43.51 -2.63
N ASP A 339 -1.13 42.57 -1.69
CA ASP A 339 0.08 42.50 -0.89
C ASP A 339 1.08 41.62 -1.65
N ASN A 340 2.05 42.27 -2.31
CA ASN A 340 3.03 41.55 -3.11
C ASN A 340 4.39 41.53 -2.42
N THR A 341 4.40 41.26 -1.12
CA THR A 341 5.65 41.22 -0.37
C THR A 341 6.48 40.02 -0.85
N VAL A 342 7.79 40.18 -0.88
CA VAL A 342 8.69 39.13 -1.32
C VAL A 342 9.42 38.64 -0.08
N ILE A 343 9.48 37.33 0.13
CA ILE A 343 10.13 36.81 1.31
C ILE A 343 11.64 36.69 1.13
N ASP A 344 12.36 37.11 2.16
CA ASP A 344 13.82 37.02 2.21
C ASP A 344 14.06 35.91 3.22
N HIS A 345 14.50 34.75 2.73
CA HIS A 345 14.71 33.58 3.58
C HIS A 345 15.88 33.72 4.55
N THR A 346 16.77 34.68 4.32
CA THR A 346 17.92 34.82 5.20
C THR A 346 17.61 35.82 6.32
N LEU A 347 16.73 36.77 6.03
CA LEU A 347 16.38 37.80 7.00
C LEU A 347 15.74 37.18 8.26
N PRO A 348 16.18 37.62 9.46
CA PRO A 348 15.64 37.12 10.72
C PRO A 348 14.37 37.92 11.04
N THR A 349 14.35 38.55 12.21
CA THR A 349 13.20 39.36 12.63
C THR A 349 13.75 40.59 13.35
N PRO A 350 14.12 41.63 12.60
CA PRO A 350 14.66 42.85 13.20
C PRO A 350 13.74 43.40 14.30
N PRO B 12 6.07 -33.28 -20.94
CA PRO B 12 5.30 -34.55 -21.02
C PRO B 12 3.84 -34.36 -21.41
N SER B 13 3.01 -35.34 -21.06
CA SER B 13 1.58 -35.31 -21.37
C SER B 13 0.86 -34.49 -20.31
N ALA B 14 1.51 -33.42 -19.85
CA ALA B 14 0.91 -32.55 -18.84
C ALA B 14 1.01 -31.10 -19.32
N ARG B 15 0.93 -30.88 -20.63
CA ARG B 15 0.99 -29.53 -21.17
C ARG B 15 -0.44 -29.01 -21.34
N ILE B 16 -0.59 -27.69 -21.34
CA ILE B 16 -1.89 -27.06 -21.45
C ILE B 16 -2.51 -27.36 -22.81
N MET B 17 -3.70 -27.94 -22.79
CA MET B 17 -4.37 -28.29 -24.02
C MET B 17 -5.46 -27.25 -24.33
N THR B 18 -5.79 -27.13 -25.60
CA THR B 18 -6.80 -26.21 -26.07
C THR B 18 -7.84 -27.04 -26.81
N PHE B 19 -9.12 -26.74 -26.60
CA PHE B 19 -10.19 -27.50 -27.25
C PHE B 19 -11.08 -26.58 -28.06
N TYR B 20 -11.62 -27.12 -29.15
CA TYR B 20 -12.50 -26.36 -30.02
C TYR B 20 -13.76 -27.18 -30.20
N PRO B 21 -14.67 -27.13 -29.23
CA PRO B 21 -15.91 -27.89 -29.32
C PRO B 21 -16.86 -27.36 -30.38
N THR B 22 -17.68 -28.25 -30.91
CA THR B 22 -18.70 -27.87 -31.87
C THR B 22 -19.84 -27.34 -31.02
N MET B 23 -20.82 -26.70 -31.66
CA MET B 23 -21.94 -26.16 -30.92
C MET B 23 -22.65 -27.31 -30.20
N GLU B 24 -22.59 -28.49 -30.80
CA GLU B 24 -23.25 -29.66 -30.22
C GLU B 24 -22.55 -30.12 -28.95
N GLU B 25 -21.23 -30.15 -28.98
CA GLU B 25 -20.48 -30.59 -27.82
C GLU B 25 -20.54 -29.51 -26.75
N PHE B 26 -20.51 -28.27 -27.20
CA PHE B 26 -20.51 -27.09 -26.34
C PHE B 26 -21.80 -26.97 -25.54
N ARG B 27 -22.89 -27.53 -26.08
CA ARG B 27 -24.21 -27.44 -25.45
C ARG B 27 -24.24 -27.97 -24.01
N ASN B 28 -23.66 -29.14 -23.76
CA ASN B 28 -23.68 -29.71 -22.41
C ASN B 28 -22.34 -29.38 -21.72
N PHE B 29 -22.40 -28.52 -20.71
CA PHE B 29 -21.19 -28.08 -20.01
C PHE B 29 -20.51 -29.24 -19.28
N SER B 30 -21.18 -29.79 -18.28
CA SER B 30 -20.61 -30.87 -17.48
C SER B 30 -20.12 -32.01 -18.37
N ARG B 31 -20.83 -32.30 -19.45
CA ARG B 31 -20.44 -33.39 -20.33
C ARG B 31 -19.11 -33.07 -21.00
N TYR B 32 -18.96 -31.85 -21.51
CA TYR B 32 -17.73 -31.49 -22.19
C TYR B 32 -16.57 -31.55 -21.20
N ILE B 33 -16.76 -31.06 -19.98
CA ILE B 33 -15.69 -31.08 -18.99
C ILE B 33 -15.21 -32.53 -18.82
N ALA B 34 -16.15 -33.45 -18.68
CA ALA B 34 -15.78 -34.85 -18.52
C ALA B 34 -15.04 -35.30 -19.79
N TYR B 35 -15.45 -34.77 -20.93
CA TYR B 35 -14.81 -35.12 -22.18
C TYR B 35 -13.34 -34.66 -22.23
N ILE B 36 -13.07 -33.41 -21.87
CA ILE B 36 -11.69 -32.95 -21.95
C ILE B 36 -10.83 -33.67 -20.92
N GLU B 37 -11.42 -34.10 -19.81
CA GLU B 37 -10.63 -34.82 -18.82
C GLU B 37 -10.31 -36.20 -19.38
N SER B 38 -11.18 -36.73 -20.23
CA SER B 38 -10.93 -38.03 -20.82
C SER B 38 -9.74 -37.92 -21.76
N GLN B 39 -9.44 -36.69 -22.19
CA GLN B 39 -8.31 -36.44 -23.06
C GLN B 39 -7.09 -36.01 -22.22
N GLY B 40 -7.22 -36.08 -20.90
CA GLY B 40 -6.12 -35.71 -20.01
C GLY B 40 -5.88 -34.23 -19.74
N ALA B 41 -6.84 -33.39 -20.10
CA ALA B 41 -6.71 -31.94 -19.93
C ALA B 41 -6.45 -31.53 -18.47
N HIS B 42 -6.98 -32.27 -17.51
CA HIS B 42 -6.81 -31.91 -16.10
C HIS B 42 -5.36 -32.08 -15.63
N ARG B 43 -4.58 -32.89 -16.34
CA ARG B 43 -3.18 -33.14 -15.94
C ARG B 43 -2.36 -31.86 -15.80
N ALA B 44 -2.58 -30.90 -16.69
CA ALA B 44 -1.85 -29.64 -16.65
C ALA B 44 -2.42 -28.69 -15.59
N GLY B 45 -3.66 -28.91 -15.19
CA GLY B 45 -4.28 -28.07 -14.19
C GLY B 45 -4.97 -26.85 -14.79
N LEU B 46 -4.80 -26.66 -16.09
CA LEU B 46 -5.39 -25.53 -16.80
C LEU B 46 -5.63 -25.97 -18.24
N ALA B 47 -6.76 -25.55 -18.82
CA ALA B 47 -7.07 -25.88 -20.19
C ALA B 47 -7.83 -24.70 -20.81
N LYS B 48 -7.66 -24.51 -22.11
CA LYS B 48 -8.35 -23.43 -22.80
C LYS B 48 -9.44 -24.05 -23.67
N VAL B 49 -10.57 -23.37 -23.75
CA VAL B 49 -11.66 -23.85 -24.58
C VAL B 49 -12.16 -22.69 -25.43
N VAL B 50 -12.05 -22.85 -26.74
CA VAL B 50 -12.50 -21.84 -27.69
C VAL B 50 -13.92 -22.21 -28.08
N PRO B 51 -14.87 -21.30 -27.83
CA PRO B 51 -16.26 -21.57 -28.18
C PRO B 51 -16.48 -21.49 -29.68
N PRO B 52 -17.52 -22.15 -30.19
CA PRO B 52 -17.76 -22.07 -31.63
C PRO B 52 -17.96 -20.59 -32.00
N LYS B 53 -17.38 -20.19 -33.11
CA LYS B 53 -17.39 -18.80 -33.58
C LYS B 53 -18.78 -18.14 -33.59
N GLU B 54 -19.84 -18.92 -33.78
CA GLU B 54 -21.16 -18.32 -33.84
C GLU B 54 -21.83 -18.24 -32.46
N TRP B 55 -21.05 -18.37 -31.39
CA TRP B 55 -21.61 -18.29 -30.05
C TRP B 55 -21.18 -16.98 -29.42
N LYS B 56 -22.09 -16.36 -28.68
CA LYS B 56 -21.80 -15.09 -27.99
C LYS B 56 -22.73 -14.96 -26.78
N PRO B 57 -22.18 -14.53 -25.64
CA PRO B 57 -22.94 -14.35 -24.41
C PRO B 57 -23.64 -13.00 -24.30
N ARG B 58 -23.17 -12.03 -25.09
CA ARG B 58 -23.76 -10.70 -25.09
C ARG B 58 -23.63 -10.08 -26.49
N ALA B 59 -24.57 -9.20 -26.82
CA ALA B 59 -24.60 -8.54 -28.12
C ALA B 59 -23.44 -7.56 -28.22
N SER B 60 -23.30 -6.67 -27.25
CA SER B 60 -22.22 -5.69 -27.26
C SER B 60 -21.99 -5.19 -25.84
N TYR B 61 -20.81 -4.63 -25.61
CA TYR B 61 -20.45 -4.11 -24.31
C TYR B 61 -20.28 -2.59 -24.40
N ASP B 62 -21.17 -1.93 -25.13
CA ASP B 62 -21.07 -0.48 -25.29
C ASP B 62 -22.09 0.18 -24.36
N ASP B 63 -22.35 -0.46 -23.23
CA ASP B 63 -23.34 0.06 -22.29
C ASP B 63 -22.91 -0.24 -20.85
N ILE B 64 -21.61 -0.27 -20.61
CA ILE B 64 -21.15 -0.60 -19.27
C ILE B 64 -20.25 0.51 -18.70
N ASP B 65 -20.04 1.57 -19.47
CA ASP B 65 -19.21 2.66 -18.98
C ASP B 65 -19.79 3.17 -17.67
N ASP B 66 -21.05 2.82 -17.42
CA ASP B 66 -21.77 3.24 -16.22
C ASP B 66 -21.58 2.24 -15.09
N LEU B 67 -21.31 0.98 -15.42
CA LEU B 67 -21.14 -0.06 -14.40
C LEU B 67 -20.20 0.45 -13.31
N VAL B 68 -20.57 0.17 -12.07
CA VAL B 68 -19.78 0.63 -10.93
C VAL B 68 -18.89 -0.46 -10.39
N ILE B 69 -17.64 -0.10 -10.15
CA ILE B 69 -16.67 -1.00 -9.55
C ILE B 69 -16.59 -0.54 -8.12
N PRO B 70 -17.40 -1.15 -7.25
CA PRO B 70 -17.49 -0.81 -5.83
C PRO B 70 -16.20 -0.78 -5.02
N ALA B 71 -15.27 -1.69 -5.29
CA ALA B 71 -14.05 -1.69 -4.48
C ALA B 71 -12.81 -2.02 -5.31
N PRO B 72 -12.36 -1.09 -6.15
CA PRO B 72 -11.17 -1.35 -6.95
C PRO B 72 -9.96 -1.40 -6.02
N ILE B 73 -8.91 -2.11 -6.41
CA ILE B 73 -7.72 -2.20 -5.54
C ILE B 73 -6.48 -1.81 -6.32
N GLN B 74 -5.53 -1.22 -5.61
CA GLN B 74 -4.27 -0.84 -6.23
C GLN B 74 -3.29 -1.90 -5.77
N GLN B 75 -2.58 -2.51 -6.71
CA GLN B 75 -1.68 -3.60 -6.37
C GLN B 75 -0.24 -3.16 -6.14
N LEU B 76 0.10 -2.98 -4.87
CA LEU B 76 1.47 -2.65 -4.51
C LEU B 76 2.21 -3.98 -4.41
N VAL B 77 3.39 -4.07 -5.00
CA VAL B 77 4.16 -5.31 -4.96
C VAL B 77 5.55 -5.03 -4.47
N THR B 78 6.01 -5.83 -3.52
CA THR B 78 7.35 -5.69 -2.98
C THR B 78 8.06 -7.02 -3.18
N GLY B 79 9.36 -6.96 -3.50
CA GLY B 79 10.11 -8.19 -3.70
C GLY B 79 11.28 -8.03 -4.64
N GLN B 80 12.01 -9.12 -4.88
CA GLN B 80 13.18 -9.10 -5.76
C GLN B 80 13.55 -10.53 -6.13
N SER B 81 14.36 -10.67 -7.18
CA SER B 81 14.85 -11.96 -7.66
C SER B 81 13.71 -12.97 -7.84
N GLY B 82 12.66 -12.57 -8.53
CA GLY B 82 11.54 -13.47 -8.80
C GLY B 82 10.61 -13.89 -7.67
N LEU B 83 10.74 -13.29 -6.50
CA LEU B 83 9.88 -13.61 -5.36
C LEU B 83 9.23 -12.32 -4.88
N PHE B 84 7.89 -12.26 -4.86
CA PHE B 84 7.23 -11.03 -4.46
C PHE B 84 5.98 -11.28 -3.65
N THR B 85 5.55 -10.23 -2.95
CA THR B 85 4.35 -10.25 -2.13
C THR B 85 3.53 -9.06 -2.61
N GLN B 86 2.24 -9.29 -2.84
CA GLN B 86 1.35 -8.27 -3.34
C GLN B 86 0.38 -7.82 -2.25
N TYR B 87 0.32 -6.51 -2.04
CA TYR B 87 -0.59 -5.94 -1.05
C TYR B 87 -1.65 -5.16 -1.84
N ASN B 88 -2.90 -5.55 -1.68
CA ASN B 88 -3.99 -4.91 -2.40
C ASN B 88 -4.63 -3.82 -1.54
N ILE B 89 -4.50 -2.57 -1.99
CA ILE B 89 -5.06 -1.42 -1.28
C ILE B 89 -6.42 -1.08 -1.89
N GLN B 90 -7.45 -0.96 -1.07
CA GLN B 90 -8.78 -0.65 -1.58
C GLN B 90 -8.87 0.82 -1.96
N LYS B 91 -9.40 1.07 -3.15
CA LYS B 91 -9.57 2.44 -3.64
C LYS B 91 -11.06 2.75 -3.59
N LYS B 92 -11.40 4.02 -3.83
CA LYS B 92 -12.80 4.42 -3.82
C LYS B 92 -13.49 3.90 -5.08
N ALA B 93 -14.78 3.63 -4.95
CA ALA B 93 -15.58 3.11 -6.06
C ALA B 93 -15.36 3.99 -7.28
N MET B 94 -15.60 3.40 -8.45
CA MET B 94 -15.43 4.12 -9.71
C MET B 94 -16.17 3.35 -10.79
N THR B 95 -16.48 4.04 -11.88
CA THR B 95 -17.21 3.45 -13.00
C THR B 95 -16.19 2.88 -13.98
N VAL B 96 -16.67 2.02 -14.87
CA VAL B 96 -15.79 1.42 -15.87
C VAL B 96 -15.14 2.53 -16.68
N ARG B 97 -15.91 3.59 -16.95
CA ARG B 97 -15.42 4.70 -17.74
C ARG B 97 -14.15 5.26 -17.09
N GLU B 98 -14.24 5.58 -15.80
CA GLU B 98 -13.11 6.14 -15.07
C GLU B 98 -11.95 5.15 -15.07
N PHE B 99 -12.26 3.87 -14.91
CA PHE B 99 -11.22 2.84 -14.89
C PHE B 99 -10.56 2.76 -16.26
N ARG B 100 -11.37 2.63 -17.31
CA ARG B 100 -10.87 2.55 -18.66
C ARG B 100 -9.98 3.77 -18.96
N LYS B 101 -10.40 4.93 -18.46
CA LYS B 101 -9.64 6.17 -18.68
C LYS B 101 -8.22 5.99 -18.17
N ILE B 102 -8.11 5.60 -16.90
CA ILE B 102 -6.80 5.42 -16.28
C ILE B 102 -6.03 4.30 -16.97
N ALA B 103 -6.70 3.19 -17.23
CA ALA B 103 -6.08 2.02 -17.86
C ALA B 103 -5.43 2.40 -19.19
N ASN B 104 -6.12 3.21 -19.99
CA ASN B 104 -5.60 3.60 -21.29
C ASN B 104 -4.65 4.78 -21.21
N SER B 105 -4.59 5.45 -20.07
CA SER B 105 -3.69 6.61 -19.93
C SER B 105 -2.28 6.13 -20.25
N ASP B 106 -1.39 7.05 -20.62
CA ASP B 106 -0.02 6.69 -20.96
C ASP B 106 0.75 6.40 -19.67
N LYS B 107 0.10 6.64 -18.53
CA LYS B 107 0.72 6.40 -17.24
C LYS B 107 0.64 4.90 -16.91
N TYR B 108 -0.50 4.29 -17.19
CA TYR B 108 -0.71 2.88 -16.91
C TYR B 108 -0.95 2.09 -18.19
N CYS B 109 -0.69 2.71 -19.34
CA CYS B 109 -0.90 2.07 -20.63
C CYS B 109 0.07 0.88 -20.81
N THR B 110 -0.32 -0.04 -21.69
CA THR B 110 0.49 -1.23 -21.99
C THR B 110 1.72 -0.78 -22.77
N PRO B 111 2.91 -1.25 -22.39
CA PRO B 111 4.11 -0.85 -23.11
C PRO B 111 4.13 -1.52 -24.48
N ARG B 112 4.98 -1.03 -25.37
CA ARG B 112 5.09 -1.59 -26.71
C ARG B 112 5.96 -2.82 -26.65
N TYR B 113 5.77 -3.76 -27.57
CA TYR B 113 6.55 -4.98 -27.58
C TYR B 113 6.32 -5.70 -28.89
N SER B 114 7.21 -6.65 -29.20
CA SER B 114 7.14 -7.42 -30.42
C SER B 114 6.43 -8.75 -30.15
N GLU B 115 7.07 -9.61 -29.36
CA GLU B 115 6.52 -10.92 -29.03
C GLU B 115 6.18 -10.99 -27.54
N PHE B 116 5.20 -11.83 -27.20
CA PHE B 116 4.75 -12.01 -25.83
C PHE B 116 5.93 -12.20 -24.88
N GLU B 117 6.94 -12.92 -25.34
CA GLU B 117 8.13 -13.18 -24.53
C GLU B 117 8.66 -11.86 -23.98
N GLU B 118 8.65 -10.82 -24.81
CA GLU B 118 9.15 -9.51 -24.42
C GLU B 118 8.19 -8.86 -23.43
N LEU B 119 6.89 -8.98 -23.69
CA LEU B 119 5.89 -8.40 -22.81
C LEU B 119 6.04 -9.08 -21.44
N GLU B 120 6.27 -10.39 -21.46
CA GLU B 120 6.44 -11.19 -20.25
C GLU B 120 7.65 -10.69 -19.47
N ARG B 121 8.76 -10.45 -20.16
CA ARG B 121 9.96 -9.98 -19.48
C ARG B 121 9.70 -8.59 -18.88
N LYS B 122 8.93 -7.77 -19.58
CA LYS B 122 8.65 -6.44 -19.07
C LYS B 122 7.80 -6.54 -17.81
N TYR B 123 6.87 -7.49 -17.79
CA TYR B 123 6.01 -7.69 -16.64
C TYR B 123 6.83 -8.02 -15.40
N TRP B 124 7.66 -9.05 -15.48
CA TRP B 124 8.48 -9.48 -14.35
C TRP B 124 9.53 -8.45 -13.98
N LYS B 125 9.85 -7.57 -14.91
CA LYS B 125 10.87 -6.58 -14.63
C LYS B 125 10.27 -5.35 -13.93
N ASN B 126 9.03 -4.99 -14.24
CA ASN B 126 8.46 -3.78 -13.65
C ASN B 126 7.22 -3.99 -12.79
N LEU B 127 6.94 -5.22 -12.35
CA LEU B 127 5.71 -5.44 -11.57
C LEU B 127 5.71 -4.70 -10.23
N THR B 128 6.88 -4.30 -9.73
CA THR B 128 6.91 -3.58 -8.45
C THR B 128 6.88 -2.06 -8.67
N PHE B 129 6.76 -1.62 -9.92
CA PHE B 129 6.75 -0.17 -10.19
C PHE B 129 5.37 0.25 -10.66
N ASN B 130 5.10 1.54 -10.54
CA ASN B 130 3.84 2.12 -11.00
C ASN B 130 2.66 1.18 -10.71
N PRO B 131 2.33 0.98 -9.43
CA PRO B 131 1.24 0.10 -8.97
C PRO B 131 -0.08 0.36 -9.70
N PRO B 132 -0.55 -0.61 -10.50
CA PRO B 132 -1.79 -0.48 -11.25
C PRO B 132 -3.02 -0.67 -10.37
N ILE B 133 -4.19 -0.46 -10.95
CA ILE B 133 -5.46 -0.62 -10.23
C ILE B 133 -6.18 -1.75 -10.91
N TYR B 134 -6.81 -2.60 -10.11
CA TYR B 134 -7.53 -3.76 -10.63
C TYR B 134 -8.96 -3.70 -10.10
N GLY B 135 -9.93 -3.76 -11.01
CA GLY B 135 -11.32 -3.73 -10.62
C GLY B 135 -11.71 -5.19 -10.55
N ALA B 136 -11.21 -5.87 -9.52
CA ALA B 136 -11.44 -7.30 -9.38
C ALA B 136 -12.55 -7.65 -8.40
N ASP B 137 -13.00 -8.90 -8.50
CA ASP B 137 -14.02 -9.50 -7.65
C ASP B 137 -15.28 -8.64 -7.58
N VAL B 138 -15.84 -8.28 -8.73
CA VAL B 138 -17.05 -7.47 -8.79
C VAL B 138 -18.26 -8.38 -9.01
N ASN B 139 -19.23 -8.33 -8.09
CA ASN B 139 -20.42 -9.16 -8.21
C ASN B 139 -21.16 -8.76 -9.49
N GLY B 140 -21.58 -9.76 -10.26
CA GLY B 140 -22.30 -9.49 -11.49
C GLY B 140 -21.95 -10.39 -12.67
N THR B 141 -22.77 -10.30 -13.71
CA THR B 141 -22.57 -11.09 -14.93
C THR B 141 -22.73 -10.15 -16.12
N LEU B 142 -22.28 -10.60 -17.28
CA LEU B 142 -22.41 -9.82 -18.49
C LEU B 142 -23.14 -10.68 -19.49
N TYR B 143 -23.53 -11.88 -19.07
CA TYR B 143 -24.25 -12.80 -19.93
C TYR B 143 -25.67 -12.30 -20.08
N GLU B 144 -26.30 -12.67 -21.20
CA GLU B 144 -27.67 -12.29 -21.43
C GLU B 144 -28.54 -13.45 -20.97
N LYS B 145 -29.65 -13.12 -20.32
CA LYS B 145 -30.60 -14.09 -19.77
C LYS B 145 -30.82 -15.31 -20.64
N HIS B 146 -30.89 -15.15 -21.97
CA HIS B 146 -31.19 -16.27 -22.84
C HIS B 146 -30.02 -17.23 -23.09
N VAL B 147 -28.78 -16.80 -22.87
CA VAL B 147 -27.65 -17.69 -23.11
C VAL B 147 -27.72 -18.87 -22.15
N ASP B 148 -27.90 -20.08 -22.70
CA ASP B 148 -27.99 -21.27 -21.86
C ASP B 148 -26.72 -22.11 -21.97
N GLU B 149 -25.85 -21.78 -22.92
CA GLU B 149 -24.62 -22.55 -23.09
C GLU B 149 -23.51 -21.88 -22.30
N TRP B 150 -22.83 -22.65 -21.45
CA TRP B 150 -21.70 -22.16 -20.66
C TRP B 150 -22.01 -20.81 -20.00
N ASN B 151 -23.17 -20.70 -19.38
CA ASN B 151 -23.53 -19.46 -18.70
C ASN B 151 -22.93 -19.54 -17.31
N ILE B 152 -21.87 -18.77 -17.10
CA ILE B 152 -21.15 -18.74 -15.82
C ILE B 152 -22.11 -18.44 -14.68
N GLY B 153 -23.26 -17.87 -15.00
CA GLY B 153 -24.23 -17.58 -13.97
C GLY B 153 -25.00 -18.81 -13.50
N ARG B 154 -25.09 -19.82 -14.36
CA ARG B 154 -25.81 -21.03 -13.99
C ARG B 154 -25.27 -22.21 -14.78
N LEU B 155 -24.14 -22.76 -14.32
CA LEU B 155 -23.51 -23.88 -15.02
C LEU B 155 -24.25 -25.19 -14.73
N ARG B 156 -24.97 -25.23 -13.62
CA ARG B 156 -25.76 -26.40 -13.23
C ARG B 156 -24.87 -27.60 -12.88
N THR B 157 -23.83 -27.39 -12.08
CA THR B 157 -22.99 -28.52 -11.69
C THR B 157 -23.41 -28.90 -10.27
N ILE B 158 -22.88 -30.00 -9.76
CA ILE B 158 -23.24 -30.47 -8.42
C ILE B 158 -22.82 -29.46 -7.34
N LEU B 159 -22.16 -28.39 -7.73
CA LEU B 159 -21.74 -27.38 -6.77
C LEU B 159 -23.00 -26.65 -6.28
N ASP B 160 -24.05 -26.71 -7.09
CA ASP B 160 -25.32 -26.07 -6.74
C ASP B 160 -25.91 -26.71 -5.48
N LEU B 161 -25.44 -27.90 -5.13
CA LEU B 161 -25.95 -28.61 -3.94
C LEU B 161 -25.72 -27.79 -2.68
N VAL B 162 -24.73 -26.91 -2.68
CA VAL B 162 -24.45 -26.12 -1.49
C VAL B 162 -25.63 -25.19 -1.24
N GLU B 163 -25.97 -24.41 -2.26
CA GLU B 163 -27.07 -23.46 -2.21
C GLU B 163 -28.38 -24.23 -2.05
N LYS B 164 -28.52 -25.31 -2.81
CA LYS B 164 -29.72 -26.15 -2.80
C LYS B 164 -30.02 -26.66 -1.38
N GLU B 165 -29.03 -27.28 -0.76
CA GLU B 165 -29.15 -27.89 0.56
C GLU B 165 -29.17 -26.90 1.73
N SER B 166 -28.49 -25.76 1.61
CA SER B 166 -28.45 -24.84 2.74
C SER B 166 -28.92 -23.43 2.40
N GLY B 167 -29.04 -23.11 1.12
CA GLY B 167 -29.45 -21.77 0.74
C GLY B 167 -28.33 -20.77 0.96
N ILE B 168 -27.15 -21.28 1.26
CA ILE B 168 -25.98 -20.43 1.50
C ILE B 168 -25.36 -20.00 0.16
N THR B 169 -25.05 -18.72 0.07
CA THR B 169 -24.44 -18.14 -1.12
C THR B 169 -23.03 -17.67 -0.78
N ILE B 170 -22.08 -18.03 -1.63
CA ILE B 170 -20.69 -17.64 -1.45
C ILE B 170 -20.29 -16.87 -2.71
N GLU B 171 -20.37 -15.54 -2.62
CA GLU B 171 -20.06 -14.65 -3.74
C GLU B 171 -18.75 -15.03 -4.41
N GLY B 172 -18.79 -15.15 -5.73
CA GLY B 172 -17.60 -15.51 -6.49
C GLY B 172 -17.40 -17.01 -6.60
N VAL B 173 -17.95 -17.79 -5.68
CA VAL B 173 -17.79 -19.25 -5.71
C VAL B 173 -18.99 -19.85 -6.42
N ASN B 174 -20.18 -19.70 -5.87
CA ASN B 174 -21.36 -20.22 -6.55
C ASN B 174 -22.15 -19.05 -7.14
N THR B 175 -21.46 -17.91 -7.29
CA THR B 175 -22.05 -16.72 -7.91
C THR B 175 -20.94 -16.14 -8.79
N PRO B 176 -21.31 -15.43 -9.86
CA PRO B 176 -20.34 -14.83 -10.78
C PRO B 176 -19.62 -13.56 -10.33
N TYR B 177 -18.37 -13.43 -10.79
CA TYR B 177 -17.53 -12.28 -10.48
C TYR B 177 -17.02 -11.70 -11.80
N LEU B 178 -16.79 -10.40 -11.83
CA LEU B 178 -16.28 -9.75 -13.03
C LEU B 178 -14.95 -9.13 -12.63
N TYR B 179 -13.98 -9.16 -13.54
CA TYR B 179 -12.68 -8.59 -13.26
C TYR B 179 -12.31 -7.63 -14.40
N PHE B 180 -12.06 -6.38 -14.04
CA PHE B 180 -11.64 -5.36 -15.00
C PHE B 180 -10.16 -5.12 -14.78
N GLY B 181 -9.34 -5.47 -15.76
CA GLY B 181 -7.92 -5.28 -15.57
C GLY B 181 -7.25 -4.28 -16.49
N MET B 182 -6.00 -3.97 -16.17
CA MET B 182 -5.19 -3.08 -16.98
C MET B 182 -3.82 -3.72 -17.05
N TRP B 183 -2.89 -3.09 -17.74
CA TRP B 183 -1.56 -3.64 -17.88
C TRP B 183 -0.93 -3.85 -16.51
N LYS B 184 -0.30 -5.03 -16.35
CA LYS B 184 0.43 -5.40 -15.14
C LYS B 184 -0.45 -5.78 -13.93
N THR B 185 -1.76 -5.82 -14.07
CA THR B 185 -2.55 -6.24 -12.92
C THR B 185 -2.34 -7.76 -12.87
N SER B 186 -2.27 -8.35 -11.69
CA SER B 186 -2.02 -9.78 -11.69
C SER B 186 -2.73 -10.53 -10.58
N PHE B 187 -2.78 -11.85 -10.75
CA PHE B 187 -3.37 -12.74 -9.77
C PHE B 187 -2.26 -13.69 -9.32
N ALA B 188 -2.08 -13.76 -8.00
CA ALA B 188 -1.02 -14.55 -7.39
C ALA B 188 -1.30 -16.05 -7.50
N TRP B 189 -0.27 -16.83 -7.19
CA TRP B 189 -0.35 -18.28 -7.23
C TRP B 189 -1.37 -18.79 -6.23
N HIS B 190 -2.26 -19.66 -6.69
CA HIS B 190 -3.28 -20.21 -5.81
C HIS B 190 -4.05 -21.32 -6.50
N THR B 191 -4.79 -22.08 -5.72
CA THR B 191 -5.71 -23.09 -6.23
C THR B 191 -7.06 -22.47 -5.85
N GLU B 192 -8.17 -22.99 -6.37
CA GLU B 192 -9.45 -22.40 -6.02
C GLU B 192 -9.80 -22.74 -4.58
N ASP B 193 -10.71 -21.98 -4.00
CA ASP B 193 -11.17 -22.26 -2.63
C ASP B 193 -11.70 -23.70 -2.66
N MET B 194 -11.45 -24.46 -1.59
CA MET B 194 -11.89 -25.85 -1.48
C MET B 194 -11.35 -26.68 -2.66
N ASP B 195 -10.34 -26.14 -3.34
CA ASP B 195 -9.70 -26.80 -4.48
C ASP B 195 -10.72 -27.15 -5.55
N LEU B 196 -11.71 -26.26 -5.73
CA LEU B 196 -12.74 -26.45 -6.74
C LEU B 196 -12.18 -26.16 -8.13
N TYR B 197 -13.02 -26.33 -9.15
CA TYR B 197 -12.64 -25.97 -10.52
C TYR B 197 -13.02 -24.49 -10.64
N SER B 198 -12.49 -23.80 -11.65
CA SER B 198 -12.89 -22.43 -11.90
C SER B 198 -13.08 -22.33 -13.40
N ILE B 199 -13.89 -21.36 -13.83
CA ILE B 199 -14.14 -21.14 -15.24
C ILE B 199 -13.94 -19.65 -15.45
N ASN B 200 -13.24 -19.27 -16.51
CA ASN B 200 -12.96 -17.86 -16.75
C ASN B 200 -13.20 -17.53 -18.21
N TYR B 201 -14.01 -16.50 -18.45
CA TYR B 201 -14.33 -16.06 -19.79
C TYR B 201 -13.86 -14.64 -19.97
N LEU B 202 -13.06 -14.39 -21.00
CA LEU B 202 -12.57 -13.05 -21.27
C LEU B 202 -13.56 -12.40 -22.25
N HIS B 203 -14.43 -11.55 -21.69
CA HIS B 203 -15.45 -10.87 -22.47
C HIS B 203 -14.84 -10.01 -23.56
N PHE B 204 -13.89 -9.13 -23.20
CA PHE B 204 -13.29 -8.27 -24.21
C PHE B 204 -11.99 -7.67 -23.68
N GLY B 205 -11.25 -7.04 -24.60
CA GLY B 205 -10.02 -6.37 -24.21
C GLY B 205 -8.74 -7.10 -24.53
N GLU B 206 -7.64 -6.62 -23.94
CA GLU B 206 -6.33 -7.22 -24.14
C GLU B 206 -6.31 -8.59 -23.45
N PRO B 207 -5.35 -9.45 -23.85
CA PRO B 207 -5.19 -10.81 -23.31
C PRO B 207 -4.87 -10.93 -21.83
N LYS B 208 -4.98 -12.16 -21.33
CA LYS B 208 -4.66 -12.50 -19.95
C LYS B 208 -3.76 -13.73 -20.03
N SER B 209 -2.53 -13.60 -19.59
CA SER B 209 -1.59 -14.73 -19.63
C SER B 209 -1.67 -15.48 -18.31
N TRP B 210 -1.51 -16.80 -18.42
CA TRP B 210 -1.61 -17.70 -17.28
C TRP B 210 -0.39 -18.60 -17.16
N TYR B 211 -0.08 -18.95 -15.91
CA TYR B 211 0.99 -19.90 -15.60
C TYR B 211 0.27 -21.02 -14.85
N SER B 212 0.70 -22.26 -15.01
CA SER B 212 0.00 -23.34 -14.32
C SER B 212 0.97 -24.45 -13.91
N VAL B 213 0.69 -25.05 -12.76
CA VAL B 213 1.51 -26.16 -12.28
C VAL B 213 0.60 -27.38 -12.21
N PRO B 214 1.03 -28.49 -12.82
CA PRO B 214 0.21 -29.70 -12.79
C PRO B 214 -0.17 -30.06 -11.36
N PRO B 215 -1.43 -30.45 -11.14
CA PRO B 215 -1.89 -30.84 -9.80
C PRO B 215 -0.97 -31.91 -9.23
N GLU B 216 -0.41 -32.72 -10.12
CA GLU B 216 0.49 -33.82 -9.74
C GLU B 216 1.74 -33.27 -9.07
N HIS B 217 2.05 -32.00 -9.27
CA HIS B 217 3.25 -31.42 -8.67
C HIS B 217 2.92 -30.27 -7.75
N GLY B 218 1.65 -30.12 -7.40
CA GLY B 218 1.24 -29.03 -6.53
C GLY B 218 1.98 -28.93 -5.20
N LYS B 219 2.15 -30.06 -4.53
CA LYS B 219 2.83 -30.09 -3.24
C LYS B 219 4.25 -29.57 -3.35
N ARG B 220 4.88 -29.78 -4.50
CA ARG B 220 6.26 -29.33 -4.67
C ARG B 220 6.27 -27.81 -4.70
N LEU B 221 5.28 -27.22 -5.37
CA LEU B 221 5.20 -25.77 -5.46
C LEU B 221 5.06 -25.23 -4.03
N GLU B 222 4.18 -25.85 -3.25
CA GLU B 222 3.93 -25.43 -1.87
C GLU B 222 5.22 -25.50 -1.04
N ARG B 223 5.97 -26.59 -1.18
CA ARG B 223 7.21 -26.74 -0.41
C ARG B 223 8.16 -25.60 -0.78
N LEU B 224 8.25 -25.28 -2.06
CA LEU B 224 9.13 -24.22 -2.49
C LEU B 224 8.67 -22.91 -1.85
N ALA B 225 7.37 -22.65 -1.93
CA ALA B 225 6.80 -21.43 -1.38
C ALA B 225 7.11 -21.33 0.13
N LYS B 226 6.85 -22.41 0.85
CA LYS B 226 7.10 -22.45 2.30
C LYS B 226 8.54 -22.06 2.58
N GLY B 227 9.45 -22.55 1.75
CA GLY B 227 10.86 -22.25 1.94
C GLY B 227 11.23 -20.80 1.67
N PHE B 228 10.54 -20.17 0.74
CA PHE B 228 10.83 -18.78 0.41
C PHE B 228 10.16 -17.84 1.40
N PHE B 229 9.00 -18.23 1.93
CA PHE B 229 8.30 -17.37 2.88
C PHE B 229 8.01 -18.17 4.14
N PRO B 230 9.06 -18.53 4.89
CA PRO B 230 8.95 -19.32 6.12
C PRO B 230 8.04 -18.67 7.15
N GLY B 231 8.13 -17.36 7.29
CA GLY B 231 7.30 -16.66 8.24
C GLY B 231 5.82 -16.84 7.96
N SER B 232 5.42 -16.59 6.71
CA SER B 232 4.03 -16.71 6.30
C SER B 232 3.58 -18.16 6.48
N ALA B 233 4.45 -19.09 6.14
CA ALA B 233 4.12 -20.51 6.22
C ALA B 233 3.81 -20.93 7.65
N GLN B 234 4.56 -20.43 8.61
CA GLN B 234 4.32 -20.85 9.99
C GLN B 234 3.10 -20.15 10.60
N SER B 235 2.65 -19.05 10.02
CA SER B 235 1.49 -18.36 10.59
C SER B 235 0.21 -18.93 9.96
N CYS B 236 0.35 -19.61 8.83
CA CYS B 236 -0.79 -20.22 8.15
C CYS B 236 -0.25 -21.18 7.09
N GLU B 237 -0.44 -22.47 7.32
CA GLU B 237 0.01 -23.52 6.40
C GLU B 237 -0.44 -23.22 4.95
N ALA B 238 -1.70 -22.86 4.78
CA ALA B 238 -2.24 -22.58 3.45
C ALA B 238 -2.17 -21.07 3.17
N PHE B 239 -1.01 -20.47 3.42
CA PHE B 239 -0.86 -19.03 3.23
C PHE B 239 -0.99 -18.63 1.74
N LEU B 240 -0.82 -19.57 0.83
CA LEU B 240 -0.94 -19.22 -0.57
C LEU B 240 -2.39 -18.81 -0.87
N ARG B 241 -3.33 -19.23 -0.03
CA ARG B 241 -4.74 -18.88 -0.25
C ARG B 241 -4.98 -17.40 0.04
N HIS B 242 -3.98 -16.72 0.59
CA HIS B 242 -4.12 -15.29 0.86
C HIS B 242 -4.01 -14.55 -0.48
N LYS B 243 -3.58 -15.27 -1.51
CA LYS B 243 -3.44 -14.73 -2.87
C LYS B 243 -2.54 -13.50 -2.89
N MET B 244 -1.39 -13.57 -2.25
CA MET B 244 -0.45 -12.45 -2.20
C MET B 244 0.93 -12.87 -2.68
N THR B 245 1.10 -14.13 -3.06
CA THR B 245 2.44 -14.58 -3.40
C THR B 245 2.67 -14.71 -4.91
N LEU B 246 3.68 -13.99 -5.39
CA LEU B 246 4.05 -14.00 -6.82
C LEU B 246 5.42 -14.65 -6.94
N ILE B 247 5.55 -15.54 -7.91
CA ILE B 247 6.80 -16.26 -8.16
C ILE B 247 6.97 -16.31 -9.66
N SER B 248 8.08 -15.79 -10.16
CA SER B 248 8.33 -15.75 -11.59
C SER B 248 8.65 -17.14 -12.12
N PRO B 249 8.45 -17.36 -13.42
CA PRO B 249 8.72 -18.65 -14.05
C PRO B 249 10.21 -19.02 -14.01
N LEU B 250 11.08 -18.02 -13.97
CA LEU B 250 12.51 -18.29 -13.92
C LEU B 250 12.83 -18.97 -12.58
N MET B 251 12.13 -18.58 -11.50
CA MET B 251 12.38 -19.20 -10.22
C MET B 251 11.84 -20.64 -10.24
N LEU B 252 10.66 -20.83 -10.82
CA LEU B 252 10.10 -22.18 -10.88
C LEU B 252 11.09 -23.06 -11.65
N LYS B 253 11.55 -22.55 -12.77
CA LYS B 253 12.49 -23.24 -13.63
C LYS B 253 13.75 -23.59 -12.83
N LYS B 254 14.27 -22.61 -12.09
CA LYS B 254 15.50 -22.82 -11.32
C LYS B 254 15.34 -23.92 -10.27
N TYR B 255 14.15 -24.12 -9.71
CA TYR B 255 14.00 -25.14 -8.68
C TYR B 255 13.33 -26.41 -9.19
N GLY B 256 13.32 -26.59 -10.51
CA GLY B 256 12.73 -27.80 -11.08
C GLY B 256 11.23 -28.00 -10.95
N ILE B 257 10.46 -26.94 -10.76
CA ILE B 257 9.01 -27.09 -10.65
C ILE B 257 8.41 -27.01 -12.04
N PRO B 258 7.79 -28.11 -12.50
CA PRO B 258 7.19 -28.07 -13.84
C PRO B 258 6.00 -27.13 -13.92
N PHE B 259 5.86 -26.47 -15.05
CA PHE B 259 4.75 -25.54 -15.26
C PHE B 259 4.63 -25.30 -16.74
N ASP B 260 3.55 -24.67 -17.14
CA ASP B 260 3.33 -24.35 -18.53
C ASP B 260 2.70 -22.96 -18.52
N LYS B 261 2.67 -22.31 -19.67
CA LYS B 261 2.09 -20.98 -19.76
C LYS B 261 1.18 -20.91 -20.97
N VAL B 262 0.17 -20.06 -20.89
CA VAL B 262 -0.76 -19.91 -21.98
C VAL B 262 -1.32 -18.50 -21.91
N THR B 263 -1.73 -17.97 -23.06
CA THR B 263 -2.30 -16.64 -23.12
C THR B 263 -3.74 -16.79 -23.58
N GLN B 264 -4.67 -16.21 -22.82
CA GLN B 264 -6.10 -16.27 -23.12
C GLN B 264 -6.47 -15.00 -23.91
N GLU B 265 -7.21 -15.17 -25.01
CA GLU B 265 -7.63 -14.04 -25.84
C GLU B 265 -9.10 -13.78 -25.62
N ALA B 266 -9.54 -12.58 -25.98
CA ALA B 266 -10.95 -12.20 -25.83
C ALA B 266 -11.81 -13.27 -26.50
N GLY B 267 -12.90 -13.65 -25.86
CA GLY B 267 -13.77 -14.66 -26.43
C GLY B 267 -13.38 -16.09 -26.10
N GLU B 268 -12.32 -16.27 -25.31
CA GLU B 268 -11.86 -17.61 -24.96
C GLU B 268 -12.12 -17.91 -23.48
N PHE B 269 -12.37 -19.20 -23.20
CA PHE B 269 -12.61 -19.68 -21.84
C PHE B 269 -11.35 -20.37 -21.33
N MET B 270 -11.13 -20.26 -20.03
CA MET B 270 -10.02 -20.94 -19.37
C MET B 270 -10.67 -21.74 -18.24
N ILE B 271 -10.22 -22.98 -18.06
CA ILE B 271 -10.75 -23.84 -17.01
C ILE B 271 -9.59 -24.30 -16.14
N THR B 272 -9.71 -24.11 -14.84
CA THR B 272 -8.68 -24.57 -13.94
C THR B 272 -9.26 -25.79 -13.23
N PHE B 273 -8.42 -26.79 -13.00
CA PHE B 273 -8.88 -28.03 -12.38
C PHE B 273 -8.50 -28.07 -10.92
N PRO B 274 -9.15 -28.95 -10.15
CA PRO B 274 -8.89 -29.12 -8.72
C PRO B 274 -7.42 -29.28 -8.38
N TYR B 275 -6.97 -28.43 -7.46
CA TYR B 275 -5.60 -28.46 -6.99
C TYR B 275 -4.62 -28.08 -8.10
N GLY B 276 -5.08 -27.29 -9.05
CA GLY B 276 -4.19 -26.83 -10.11
C GLY B 276 -3.76 -25.41 -9.72
N TYR B 277 -2.50 -25.23 -9.37
CA TYR B 277 -2.02 -23.90 -8.99
C TYR B 277 -1.86 -23.05 -10.24
N HIS B 278 -2.29 -21.79 -10.17
CA HIS B 278 -2.14 -20.92 -11.33
C HIS B 278 -1.88 -19.47 -10.87
N ALA B 279 -1.39 -18.68 -11.80
CA ALA B 279 -1.08 -17.27 -11.58
C ALA B 279 -1.03 -16.60 -12.96
N GLY B 280 -1.00 -15.27 -12.98
CA GLY B 280 -0.94 -14.58 -14.26
C GLY B 280 -1.01 -13.06 -14.16
N PHE B 281 -1.22 -12.44 -15.31
CA PHE B 281 -1.30 -10.98 -15.37
C PHE B 281 -2.05 -10.59 -16.65
N ASN B 282 -2.64 -9.39 -16.63
CA ASN B 282 -3.39 -8.89 -17.77
C ASN B 282 -2.47 -8.04 -18.66
N HIS B 283 -2.68 -8.13 -19.97
CA HIS B 283 -1.87 -7.39 -20.94
C HIS B 283 -2.29 -5.94 -20.99
N GLY B 284 -3.56 -5.67 -20.73
CA GLY B 284 -4.05 -4.31 -20.76
C GLY B 284 -5.49 -4.26 -20.33
N PHE B 285 -6.20 -3.22 -20.73
CA PHE B 285 -7.60 -3.08 -20.37
C PHE B 285 -8.35 -4.29 -20.89
N ASN B 286 -9.10 -4.96 -20.02
CA ASN B 286 -9.91 -6.12 -20.42
C ASN B 286 -10.95 -6.39 -19.34
N CYS B 287 -11.85 -7.32 -19.62
CA CYS B 287 -12.90 -7.67 -18.68
C CYS B 287 -13.14 -9.16 -18.73
N ALA B 288 -13.16 -9.79 -17.56
CA ALA B 288 -13.36 -11.24 -17.49
C ALA B 288 -14.40 -11.57 -16.45
N GLU B 289 -15.06 -12.70 -16.64
CA GLU B 289 -16.07 -13.15 -15.70
C GLU B 289 -15.70 -14.58 -15.29
N SER B 290 -15.91 -14.92 -14.03
CA SER B 290 -15.58 -16.27 -13.58
C SER B 290 -16.36 -16.65 -12.33
N THR B 291 -16.26 -17.93 -12.00
CA THR B 291 -16.91 -18.49 -10.83
C THR B 291 -16.32 -19.89 -10.66
N ASN B 292 -16.70 -20.59 -9.60
CA ASN B 292 -16.21 -21.94 -9.38
C ASN B 292 -17.30 -22.91 -9.77
N PHE B 293 -16.92 -24.18 -9.93
CA PHE B 293 -17.88 -25.21 -10.24
C PHE B 293 -17.32 -26.52 -9.73
N ALA B 294 -18.16 -27.52 -9.60
CA ALA B 294 -17.72 -28.80 -9.08
C ALA B 294 -18.11 -29.92 -10.01
N THR B 295 -17.45 -31.06 -9.79
CA THR B 295 -17.64 -32.27 -10.55
C THR B 295 -17.56 -33.39 -9.52
N ARG B 296 -18.00 -34.59 -9.88
CA ARG B 296 -17.94 -35.71 -8.94
C ARG B 296 -16.49 -35.97 -8.56
N ARG B 297 -15.59 -35.80 -9.53
CA ARG B 297 -14.15 -36.03 -9.29
C ARG B 297 -13.61 -35.02 -8.25
N TRP B 298 -14.21 -33.84 -8.16
CA TRP B 298 -13.73 -32.83 -7.21
C TRP B 298 -13.98 -33.22 -5.74
N ILE B 299 -15.01 -34.03 -5.50
CA ILE B 299 -15.38 -34.41 -4.13
C ILE B 299 -14.21 -34.86 -3.26
N GLU B 300 -13.34 -35.74 -3.74
CA GLU B 300 -12.22 -36.17 -2.91
C GLU B 300 -11.28 -34.99 -2.67
N TYR B 301 -11.12 -34.12 -3.67
CA TYR B 301 -10.24 -32.96 -3.49
C TYR B 301 -10.83 -32.09 -2.38
N GLY B 302 -12.13 -31.85 -2.45
CA GLY B 302 -12.78 -31.03 -1.44
C GLY B 302 -12.64 -31.57 -0.03
N LYS B 303 -12.62 -32.89 0.12
CA LYS B 303 -12.52 -33.48 1.44
C LYS B 303 -11.11 -33.35 2.00
N GLN B 304 -10.13 -33.25 1.12
CA GLN B 304 -8.74 -33.17 1.56
C GLN B 304 -8.14 -31.77 1.42
N ALA B 305 -8.91 -30.79 0.99
CA ALA B 305 -8.38 -29.44 0.80
C ALA B 305 -7.80 -28.89 2.10
N VAL B 306 -6.61 -28.31 2.04
CA VAL B 306 -5.99 -27.71 3.22
C VAL B 306 -6.46 -26.26 3.19
N LEU B 307 -7.13 -25.82 4.26
CA LEU B 307 -7.68 -24.47 4.28
C LEU B 307 -6.90 -23.54 5.19
N CYS B 308 -7.12 -22.25 4.97
CA CYS B 308 -6.50 -21.19 5.76
C CYS B 308 -7.44 -20.94 6.92
N SER B 309 -6.89 -20.86 8.12
CA SER B 309 -7.74 -20.62 9.29
C SER B 309 -7.31 -19.32 9.95
N CYS B 310 -6.11 -18.84 9.64
CA CYS B 310 -5.59 -17.62 10.24
C CYS B 310 -6.50 -16.43 9.92
N ARG B 311 -7.40 -16.60 8.96
CA ARG B 311 -8.32 -15.54 8.59
C ARG B 311 -9.73 -16.02 8.82
N LYS B 312 -10.63 -15.10 9.18
CA LYS B 312 -12.01 -15.49 9.42
C LYS B 312 -12.91 -14.74 8.45
N ASP B 313 -13.17 -15.38 7.31
CA ASP B 313 -14.02 -14.83 6.26
C ASP B 313 -13.69 -15.66 5.01
N MET B 314 -12.77 -16.59 5.18
CA MET B 314 -12.33 -17.46 4.10
C MET B 314 -13.45 -18.40 3.71
N VAL B 315 -13.46 -18.83 2.45
CA VAL B 315 -14.48 -19.73 1.96
C VAL B 315 -14.28 -21.10 2.58
N LYS B 316 -15.37 -21.64 3.13
CA LYS B 316 -15.36 -22.94 3.76
C LYS B 316 -16.65 -23.62 3.34
N ILE B 317 -16.56 -24.85 2.85
CA ILE B 317 -17.74 -25.57 2.40
C ILE B 317 -17.79 -26.93 3.11
N SER B 318 -18.95 -27.22 3.69
CA SER B 318 -19.15 -28.49 4.37
C SER B 318 -19.24 -29.55 3.29
N MET B 319 -18.40 -30.58 3.39
CA MET B 319 -18.38 -31.66 2.41
C MET B 319 -19.43 -32.72 2.75
N ASP B 320 -20.03 -32.59 3.91
CA ASP B 320 -21.00 -33.56 4.40
C ASP B 320 -22.11 -33.88 3.37
N VAL B 321 -22.69 -32.87 2.75
CA VAL B 321 -23.77 -33.14 1.80
C VAL B 321 -23.26 -33.91 0.57
N PHE B 322 -22.00 -33.71 0.21
CA PHE B 322 -21.45 -34.38 -0.98
C PHE B 322 -21.07 -35.83 -0.69
N VAL B 323 -20.46 -36.07 0.46
CA VAL B 323 -20.04 -37.42 0.82
C VAL B 323 -21.27 -38.31 1.03
N ARG B 324 -22.28 -37.72 1.66
CA ARG B 324 -23.50 -38.45 1.96
C ARG B 324 -24.23 -38.85 0.68
N LYS B 325 -24.31 -37.93 -0.28
CA LYS B 325 -25.03 -38.19 -1.51
C LYS B 325 -24.21 -38.97 -2.56
N PHE B 326 -22.91 -38.73 -2.65
CA PHE B 326 -22.17 -39.43 -3.70
C PHE B 326 -21.25 -40.52 -3.19
N GLN B 327 -20.96 -40.55 -1.89
CA GLN B 327 -20.08 -41.58 -1.34
C GLN B 327 -20.75 -42.19 -0.12
N PRO B 328 -22.02 -42.61 -0.25
CA PRO B 328 -22.73 -43.21 0.88
C PRO B 328 -21.99 -44.37 1.57
N GLU B 329 -21.26 -45.16 0.81
CA GLU B 329 -20.57 -46.32 1.39
C GLU B 329 -19.41 -45.88 2.24
N ARG B 330 -19.01 -44.61 2.15
CA ARG B 330 -17.85 -44.16 2.92
C ARG B 330 -18.21 -43.07 3.91
N TYR B 331 -19.47 -42.65 3.94
CA TYR B 331 -19.90 -41.59 4.83
C TYR B 331 -19.57 -41.89 6.29
N LYS B 332 -19.98 -43.06 6.76
CA LYS B 332 -19.74 -43.44 8.14
C LYS B 332 -18.24 -43.34 8.47
N LEU B 333 -17.40 -43.90 7.62
CA LEU B 333 -15.96 -43.87 7.85
C LEU B 333 -15.44 -42.43 7.85
N TRP B 334 -15.81 -41.68 6.83
CA TRP B 334 -15.38 -40.30 6.69
C TRP B 334 -15.76 -39.51 7.93
N LYS B 335 -17.03 -39.59 8.31
CA LYS B 335 -17.56 -38.87 9.48
C LYS B 335 -16.74 -39.26 10.70
N ALA B 336 -16.22 -40.48 10.69
CA ALA B 336 -15.42 -40.99 11.79
C ALA B 336 -13.98 -40.50 11.64
N GLY B 337 -13.65 -39.98 10.46
CA GLY B 337 -12.29 -39.51 10.21
C GLY B 337 -11.36 -40.66 9.91
N LYS B 338 -11.90 -41.75 9.35
CA LYS B 338 -11.11 -42.93 9.04
C LYS B 338 -10.97 -43.10 7.54
N ASP B 339 -11.46 -42.15 6.75
CA ASP B 339 -11.35 -42.27 5.29
C ASP B 339 -9.94 -41.87 4.89
N ASN B 340 -9.15 -42.85 4.47
CA ASN B 340 -7.76 -42.59 4.10
C ASN B 340 -7.56 -42.71 2.58
N THR B 341 -8.56 -42.28 1.82
CA THR B 341 -8.46 -42.32 0.37
C THR B 341 -7.32 -41.41 -0.07
N VAL B 342 -6.51 -41.90 -1.01
CA VAL B 342 -5.38 -41.12 -1.54
C VAL B 342 -5.75 -40.75 -2.96
N ILE B 343 -5.59 -39.47 -3.29
CA ILE B 343 -5.94 -38.97 -4.60
C ILE B 343 -4.84 -39.26 -5.64
N ASP B 344 -5.28 -39.57 -6.86
CA ASP B 344 -4.40 -39.80 -8.00
C ASP B 344 -4.79 -38.73 -9.01
N HIS B 345 -4.02 -37.66 -9.05
CA HIS B 345 -4.28 -36.51 -9.91
C HIS B 345 -4.26 -36.86 -11.40
N THR B 346 -4.06 -38.14 -11.72
CA THR B 346 -4.00 -38.57 -13.11
C THR B 346 -5.25 -39.36 -13.51
N LEU B 347 -5.65 -40.29 -12.64
CA LEU B 347 -6.79 -41.19 -12.82
C LEU B 347 -7.74 -40.82 -13.96
N PRO B 348 -8.66 -39.87 -13.73
CA PRO B 348 -9.59 -39.51 -14.80
C PRO B 348 -9.03 -39.64 -16.21
N LYS C 2 -17.06 28.75 -1.24
CA LYS C 2 -16.21 27.80 -0.47
C LYS C 2 -16.70 26.36 -0.65
N SER C 3 -16.16 25.46 0.17
CA SER C 3 -16.54 24.05 0.14
C SER C 3 -15.79 23.33 1.26
N ALA C 4 -15.08 24.11 2.07
CA ALA C 4 -14.29 23.59 3.19
C ALA C 4 -13.95 24.75 4.13
N PRO C 5 -13.61 24.44 5.39
CA PRO C 5 -13.27 25.47 6.38
C PRO C 5 -11.92 26.16 6.09
N ALA C 6 -11.84 27.44 6.44
CA ALA C 6 -10.63 28.21 6.21
C ALA C 6 -9.60 27.85 7.27
N THR C 7 -10.03 27.13 8.30
CA THR C 7 -9.14 26.71 9.38
C THR C 7 -9.57 25.33 9.87
N GLY C 8 -8.65 24.37 9.82
CA GLY C 8 -8.97 23.02 10.28
C GLY C 8 -8.15 21.94 9.59
N GLY C 9 -8.45 20.69 9.92
CA GLY C 9 -7.74 19.56 9.33
C GLY C 9 -6.96 18.73 10.33
N VAL C 10 -6.20 17.77 9.82
CA VAL C 10 -5.37 16.90 10.66
C VAL C 10 -3.98 16.80 10.03
N M3L C 11 -2.96 16.66 10.86
CA M3L C 11 -1.58 16.56 10.40
CB M3L C 11 -0.60 16.87 11.54
CG M3L C 11 0.81 17.21 11.03
CD M3L C 11 1.77 17.54 12.15
CE M3L C 11 3.11 16.80 12.00
NZ M3L C 11 4.08 17.02 13.17
C M3L C 11 -1.32 15.15 9.87
O M3L C 11 -0.54 14.98 8.94
CM1 M3L C 11 4.48 18.46 13.27
CM2 M3L C 11 5.37 16.31 13.08
CM3 M3L C 11 3.46 16.60 14.46
N LYS C 12 -1.98 14.17 10.46
CA LYS C 12 -1.82 12.78 10.03
C LYS C 12 -2.18 12.71 8.55
N PRO C 13 -1.18 12.42 7.69
CA PRO C 13 -1.37 12.33 6.23
C PRO C 13 -2.33 11.23 5.77
N HIS C 14 -2.30 10.93 4.48
CA HIS C 14 -3.16 9.91 3.86
C HIS C 14 -3.07 8.60 4.64
N ARG C 15 -4.15 7.82 4.59
CA ARG C 15 -4.19 6.53 5.27
C ARG C 15 -4.98 5.53 4.41
N TYR C 16 -4.26 4.73 3.63
CA TYR C 16 -4.87 3.74 2.76
C TYR C 16 -5.10 2.49 3.61
N ARG C 17 -6.09 1.68 3.24
CA ARG C 17 -6.35 0.46 3.99
C ARG C 17 -6.28 -0.71 3.00
N PRO C 18 -5.85 -1.88 3.48
CA PRO C 18 -5.73 -3.07 2.63
C PRO C 18 -7.06 -3.45 1.98
N LYS D 2 -16.96 -18.93 18.42
CA LYS D 2 -15.79 -18.94 17.51
C LYS D 2 -15.68 -20.26 16.75
N SER D 3 -16.83 -20.77 16.30
CA SER D 3 -16.87 -22.03 15.56
C SER D 3 -16.98 -21.72 14.07
N ALA D 4 -17.69 -20.64 13.74
CA ALA D 4 -17.89 -20.22 12.36
C ALA D 4 -18.69 -21.29 11.62
N PRO D 5 -19.39 -20.91 10.54
CA PRO D 5 -20.19 -21.85 9.76
C PRO D 5 -19.34 -22.84 8.97
N ALA D 6 -19.84 -24.06 8.80
CA ALA D 6 -19.13 -25.09 8.07
C ALA D 6 -19.25 -24.82 6.57
N THR D 7 -20.13 -23.89 6.20
CA THR D 7 -20.34 -23.54 4.80
C THR D 7 -20.64 -22.05 4.70
N GLY D 8 -19.85 -21.32 3.93
CA GLY D 8 -20.05 -19.89 3.77
C GLY D 8 -18.79 -19.10 3.47
N GLY D 9 -18.92 -17.79 3.38
CA GLY D 9 -17.78 -16.94 3.10
C GLY D 9 -17.88 -16.18 1.78
N VAL D 10 -16.81 -15.47 1.44
CA VAL D 10 -16.75 -14.70 0.19
C VAL D 10 -15.42 -14.99 -0.51
N M3L D 11 -15.43 -14.93 -1.83
CA M3L D 11 -14.24 -15.21 -2.62
CB M3L D 11 -14.60 -15.58 -4.06
CG M3L D 11 -13.46 -16.31 -4.80
CD M3L D 11 -13.83 -16.69 -6.24
CE M3L D 11 -12.75 -16.29 -7.26
NZ M3L D 11 -13.14 -16.56 -8.71
C M3L D 11 -13.29 -14.00 -2.63
O M3L D 11 -12.07 -14.17 -2.67
CM1 M3L D 11 -13.33 -18.01 -8.96
CM2 M3L D 11 -12.16 -16.16 -9.74
CM3 M3L D 11 -14.41 -15.86 -9.07
N LYS D 12 -13.84 -12.79 -2.55
CA LYS D 12 -13.02 -11.57 -2.55
C LYS D 12 -11.99 -11.68 -1.42
N PRO D 13 -10.69 -11.80 -1.77
CA PRO D 13 -9.56 -11.91 -0.84
C PRO D 13 -9.09 -10.64 -0.13
N HIS D 14 -7.76 -10.49 -0.04
CA HIS D 14 -7.09 -9.37 0.61
C HIS D 14 -7.84 -8.06 0.36
N ARG D 15 -8.71 -7.71 1.31
CA ARG D 15 -9.50 -6.48 1.22
C ARG D 15 -9.52 -5.83 2.59
ZN ZN E . -3.14 17.45 -2.93
FE FE2 F . 8.18 17.83 9.21
C1 OGA G . 8.90 16.77 12.04
C2 OGA G . 8.70 15.57 11.15
C4 OGA G . 8.50 13.15 10.86
C5 OGA G . 8.57 11.88 11.66
O1 OGA G . 9.07 16.61 13.23
O2 OGA G . 8.89 18.01 11.52
O2' OGA G . 8.54 15.72 9.95
O3 OGA G . 8.39 10.70 11.05
N1 OGA G . 8.71 14.33 11.71
O4 OGA G . 8.77 11.91 12.87
O1 OXY H . 4.12 18.51 8.96
O2 OXY H . 3.67 18.57 8.04
O1 OXY I . 5.91 17.08 9.56
O2 OXY I . 6.10 17.56 10.44
ZN ZN J . -4.46 -18.05 6.31
FE FE2 K . -8.10 -19.09 -9.86
C1 OGA L . -9.49 -17.76 -12.15
C2 OGA L . -8.59 -16.70 -11.62
C4 OGA L . -7.86 -14.36 -11.54
C5 OGA L . -8.18 -13.04 -12.18
O1 OGA L . -10.35 -17.49 -12.97
O2 OGA L . -9.37 -19.04 -11.71
O2' OGA L . -7.74 -16.97 -10.79
O3 OGA L . -7.48 -11.96 -11.81
N1 OGA L . -8.73 -15.42 -12.06
O4 OGA L . -9.06 -12.96 -13.01
O1 OXY M . -9.41 -17.47 -8.58
O2 OXY M . -10.09 -18.13 -8.96
#